data_8VZM
#
_entry.id   8VZM
#
_cell.length_a   64.844
_cell.length_b   115.961
_cell.length_c   123.006
_cell.angle_alpha   90.000
_cell.angle_beta   90.000
_cell.angle_gamma   90.000
#
_symmetry.space_group_name_H-M   'P 21 21 21'
#
loop_
_entity.id
_entity.type
_entity.pdbx_description
1 polymer 'DNA ligase 1'
2 polymer "DNA/RNA (5'-D(*GP*CP*TP*GP*AP*TP*GP*CP*GP*T)-R(P*A)-3')"
3 polymer "DNA (5'-D(*GP*TP*CP*CP*GP*AP*CP*CP*AP*CP*GP*CP*AP*TP*CP*AP*GP*C)-3')"
4 polymer "DNA (5'-D(P*GP*TP*CP*GP*GP*AP*C)-3')"
5 non-polymer 'ADENOSINE MONOPHOSPHATE'
6 water water
#
loop_
_entity_poly.entity_id
_entity_poly.type
_entity_poly.pdbx_seq_one_letter_code
_entity_poly.pdbx_strand_id
1 'polypeptide(L)'
;LDPSGYNPAKNNYHPVEDACWKPGQKVPYLAVARTFEKIEEVSARLRMVETLSNLLRSVVALSPPDLLPVLYLSLNHLGP
PQQGLALGVGDGVLLKAVAQATGRQLESVRAEAAEKGDVGLVAENSRSTQRLMLPPPPLTASGVFSKFRDIARLTGSAST
AKKIDIIKGLFVACRHSEARFIARSLSGRLRLGLAEQSVLAALSQAVSLTPPGQEFPPAMVDAGKGKTAEARKTWLEEQG
MILKQTFCEVPDLDRIIPVLLEHGLERLPEHCKLSPGIPLKPMLAHPTRGISEVLKRFEEAAFTCEYKYDGQRAQIHALE
GGEVKIFSRNQADNTGKYPDIISRIPKIKLPSVTSFILDTEAVAWDREKKQIQPFQVLTTRKRKEVDASEIQVQVCLYAF
DLIYLNGESLVREPLSRRRQLLRENFVETEGEFVFATSLDTKDIEQIAEFLEQSVKDSCEGLMVKTLDVDATYEIAKRSH
NWLKLKKDYLDGVGDTLDLVVIGAYLGRGKRAGRYGGFLLASYDEDSEELQAICKLGTGFSDEELEEHHQSLKALVLPSP
RPYVRIDGAVIPDHWLDPSAVWEVKCADLSLSPIYPAARGLVDSDKGISLRFPRFIRVREDKQPEQATTSAQVACLYRKQ
SQIQNQQGEDSGSDPEDTAAALEHHHHHH
;
A
2 'polydeoxyribonucleotide/polyribonucleotide hybrid' (DG)(DC)(DT)(DG)(DA)(DT)(DG)(DC)(DG)(DT)A B
3 'polydeoxyribonucleotide' (DG)(DT)(DC)(DC)(DG)(DA)(DC)(DT)(DA)(DC)(DG)(DC)(DA)(DT)(DC)(DA)(DG)(DC) D
4 'polydeoxyribonucleotide' (DG)(DT)(DC)(DG)(DG)(DA)(DC) C
#
# COMPACT_ATOMS: atom_id res chain seq x y z
N LEU A 1 5.37 -16.67 -34.85
CA LEU A 1 6.26 -15.51 -34.88
C LEU A 1 7.27 -15.58 -33.74
N ASP A 2 8.02 -14.50 -33.55
CA ASP A 2 9.03 -14.44 -32.51
C ASP A 2 8.55 -13.59 -31.35
N PRO A 3 8.38 -14.15 -30.14
CA PRO A 3 8.07 -13.30 -28.98
C PRO A 3 9.12 -12.24 -28.71
N SER A 4 10.32 -12.35 -29.30
CA SER A 4 11.36 -11.35 -29.07
C SER A 4 11.02 -10.02 -29.72
N GLY A 5 10.33 -10.03 -30.86
CA GLY A 5 9.99 -8.81 -31.56
C GLY A 5 8.56 -8.33 -31.33
N TYR A 6 7.93 -8.84 -30.27
CA TYR A 6 6.56 -8.45 -29.97
C TYR A 6 6.50 -6.96 -29.64
N ASN A 7 5.60 -6.25 -30.32
CA ASN A 7 5.43 -4.81 -30.14
C ASN A 7 3.95 -4.54 -29.86
N PRO A 8 3.55 -4.56 -28.58
CA PRO A 8 2.17 -4.21 -28.23
C PRO A 8 1.91 -2.71 -28.17
N ALA A 9 2.86 -1.88 -28.58
CA ALA A 9 2.71 -0.43 -28.60
C ALA A 9 2.72 0.13 -30.02
N LYS A 10 2.53 -0.73 -31.02
CA LYS A 10 2.51 -0.27 -32.41
C LYS A 10 1.16 0.35 -32.73
N ASN A 11 1.19 1.32 -33.65
CA ASN A 11 -0.05 1.91 -34.14
C ASN A 11 -0.83 0.90 -34.97
N ASN A 12 -2.16 0.89 -34.78
CA ASN A 12 -3.05 -0.07 -35.42
C ASN A 12 -2.65 -1.50 -35.06
N TYR A 13 -2.83 -1.81 -33.78
CA TYR A 13 -2.50 -3.12 -33.26
C TYR A 13 -3.66 -4.09 -33.50
N HIS A 14 -3.36 -5.21 -34.15
CA HIS A 14 -4.36 -6.24 -34.38
C HIS A 14 -4.19 -7.35 -33.35
N PRO A 15 -5.22 -7.70 -32.59
CA PRO A 15 -5.03 -8.73 -31.55
C PRO A 15 -4.60 -10.08 -32.10
N VAL A 16 -5.08 -10.46 -33.28
CA VAL A 16 -4.77 -11.77 -33.83
C VAL A 16 -3.51 -11.73 -34.69
N GLU A 17 -3.38 -10.72 -35.54
CA GLU A 17 -2.27 -10.69 -36.50
C GLU A 17 -0.97 -10.25 -35.85
N ASP A 18 -1.02 -9.25 -34.97
CA ASP A 18 0.19 -8.73 -34.33
C ASP A 18 0.63 -9.55 -33.13
N ALA A 19 -0.03 -10.66 -32.84
CA ALA A 19 0.36 -11.51 -31.73
C ALA A 19 1.61 -12.32 -32.08
N CYS A 20 2.24 -12.89 -31.06
CA CYS A 20 3.43 -13.70 -31.23
C CYS A 20 3.23 -15.13 -30.72
N TRP A 21 1.98 -15.58 -30.65
CA TRP A 21 1.69 -16.95 -30.26
C TRP A 21 0.41 -17.41 -30.94
N LYS A 22 0.31 -18.71 -31.17
CA LYS A 22 -0.83 -19.29 -31.87
C LYS A 22 -2.04 -19.42 -30.94
N PRO A 23 -3.24 -19.41 -31.50
CA PRO A 23 -4.44 -19.56 -30.66
C PRO A 23 -4.46 -20.90 -29.95
N GLY A 24 -5.02 -20.90 -28.73
CA GLY A 24 -5.02 -22.07 -27.88
C GLY A 24 -3.70 -22.36 -27.20
N GLN A 25 -2.59 -21.88 -27.73
CA GLN A 25 -1.28 -22.05 -27.11
C GLN A 25 -1.10 -21.06 -25.97
N LYS A 26 -0.41 -21.51 -24.93
CA LYS A 26 -0.20 -20.68 -23.75
C LYS A 26 0.60 -19.43 -24.11
N VAL A 27 0.29 -18.34 -23.41
CA VAL A 27 0.94 -17.05 -23.68
C VAL A 27 2.39 -17.12 -23.21
N PRO A 28 3.36 -16.76 -24.04
CA PRO A 28 4.76 -16.77 -23.59
C PRO A 28 5.06 -15.59 -22.67
N TYR A 29 5.87 -15.86 -21.65
CA TYR A 29 6.22 -14.80 -20.70
C TYR A 29 7.01 -13.69 -21.36
N LEU A 30 7.73 -13.99 -22.44
CA LEU A 30 8.45 -12.95 -23.15
C LEU A 30 7.51 -11.89 -23.70
N ALA A 31 6.32 -12.31 -24.15
CA ALA A 31 5.32 -11.35 -24.58
C ALA A 31 4.91 -10.43 -23.44
N VAL A 32 4.79 -10.98 -22.24
CA VAL A 32 4.50 -10.15 -21.07
C VAL A 32 5.67 -9.22 -20.77
N ALA A 33 6.89 -9.75 -20.84
CA ALA A 33 8.08 -8.93 -20.59
C ALA A 33 8.26 -7.86 -21.66
N ARG A 34 7.91 -8.17 -22.91
CA ARG A 34 7.98 -7.16 -23.96
C ARG A 34 6.97 -6.05 -23.72
N THR A 35 5.76 -6.41 -23.26
CA THR A 35 4.77 -5.40 -22.92
C THR A 35 5.24 -4.56 -21.73
N PHE A 36 5.92 -5.18 -20.78
CA PHE A 36 6.47 -4.44 -19.64
C PHE A 36 7.53 -3.45 -20.09
N GLU A 37 8.29 -3.79 -21.14
CA GLU A 37 9.31 -2.88 -21.64
C GLU A 37 8.70 -1.61 -22.21
N LYS A 38 7.69 -1.76 -23.07
CA LYS A 38 7.05 -0.59 -23.67
C LYS A 38 6.33 0.25 -22.61
N ILE A 39 5.73 -0.42 -21.61
CA ILE A 39 5.08 0.31 -20.53
C ILE A 39 6.10 1.10 -19.73
N GLU A 40 7.26 0.49 -19.45
CA GLU A 40 8.29 1.18 -18.68
C GLU A 40 8.93 2.33 -19.46
N GLU A 41 8.92 2.24 -20.79
CA GLU A 41 9.58 3.26 -21.60
C GLU A 41 8.85 4.60 -21.55
N VAL A 42 7.52 4.58 -21.47
CA VAL A 42 6.73 5.79 -21.57
C VAL A 42 6.31 6.25 -20.18
N SER A 43 5.94 7.52 -20.08
CA SER A 43 5.51 8.12 -18.83
C SER A 43 4.05 8.53 -18.83
N ALA A 44 3.39 8.58 -19.99
CA ALA A 44 1.98 8.92 -20.06
C ALA A 44 1.14 7.70 -19.72
N ARG A 45 0.22 7.86 -18.77
CA ARG A 45 -0.60 6.73 -18.33
C ARG A 45 -1.51 6.24 -19.45
N LEU A 46 -1.99 7.14 -20.31
CA LEU A 46 -2.87 6.73 -21.40
C LEU A 46 -2.13 5.84 -22.40
N ARG A 47 -0.87 6.15 -22.69
CA ARG A 47 -0.08 5.27 -23.54
C ARG A 47 0.22 3.94 -22.86
N MET A 48 0.40 3.96 -21.54
CA MET A 48 0.64 2.72 -20.81
C MET A 48 -0.60 1.83 -20.82
N VAL A 49 -1.78 2.42 -20.61
CA VAL A 49 -3.01 1.64 -20.59
C VAL A 49 -3.27 1.03 -21.97
N GLU A 50 -2.98 1.78 -23.04
CA GLU A 50 -3.20 1.26 -24.39
C GLU A 50 -2.31 0.07 -24.69
N THR A 51 -1.03 0.14 -24.29
CA THR A 51 -0.12 -0.97 -24.55
C THR A 51 -0.56 -2.23 -23.82
N LEU A 52 -0.99 -2.10 -22.57
CA LEU A 52 -1.47 -3.26 -21.82
C LEU A 52 -2.78 -3.78 -22.42
N SER A 53 -3.68 -2.87 -22.80
CA SER A 53 -4.96 -3.29 -23.38
C SER A 53 -4.75 -4.12 -24.63
N ASN A 54 -3.75 -3.76 -25.45
CA ASN A 54 -3.45 -4.54 -26.65
C ASN A 54 -3.05 -5.96 -26.30
N LEU A 55 -2.17 -6.11 -25.29
CA LEU A 55 -1.78 -7.45 -24.87
C LEU A 55 -2.95 -8.22 -24.30
N LEU A 56 -3.78 -7.56 -23.49
CA LEU A 56 -4.97 -8.21 -22.95
C LEU A 56 -5.96 -8.57 -24.05
N ARG A 57 -5.99 -7.79 -25.13
CA ARG A 57 -6.90 -8.11 -26.24
C ARG A 57 -6.46 -9.37 -26.96
N SER A 58 -5.16 -9.53 -27.20
CA SER A 58 -4.67 -10.76 -27.82
C SER A 58 -4.89 -11.97 -26.91
N VAL A 59 -4.79 -11.77 -25.60
CA VAL A 59 -5.01 -12.87 -24.67
C VAL A 59 -6.47 -13.30 -24.68
N VAL A 60 -7.39 -12.33 -24.59
CA VAL A 60 -8.81 -12.67 -24.53
C VAL A 60 -9.29 -13.31 -25.83
N ALA A 61 -8.55 -13.13 -26.93
CA ALA A 61 -8.95 -13.69 -28.23
C ALA A 61 -8.24 -14.98 -28.57
N LEU A 62 -7.01 -15.18 -28.09
CA LEU A 62 -6.22 -16.35 -28.44
C LEU A 62 -6.05 -17.35 -27.30
N SER A 63 -5.85 -16.89 -26.08
CA SER A 63 -5.70 -17.77 -24.92
C SER A 63 -6.46 -17.20 -23.73
N PRO A 64 -7.78 -17.33 -23.72
CA PRO A 64 -8.60 -16.74 -22.63
C PRO A 64 -8.19 -17.25 -21.26
N PRO A 65 -7.96 -18.56 -21.05
CA PRO A 65 -7.62 -19.02 -19.70
C PRO A 65 -6.32 -18.46 -19.15
N ASP A 66 -5.53 -17.77 -19.96
CA ASP A 66 -4.30 -17.14 -19.50
C ASP A 66 -4.50 -15.67 -19.11
N LEU A 67 -5.74 -15.18 -19.14
CA LEU A 67 -5.98 -13.78 -18.79
C LEU A 67 -5.75 -13.54 -17.30
N LEU A 68 -6.23 -14.46 -16.45
CA LEU A 68 -6.04 -14.30 -15.01
C LEU A 68 -4.57 -14.25 -14.61
N PRO A 69 -3.69 -15.14 -15.05
CA PRO A 69 -2.27 -15.00 -14.67
C PRO A 69 -1.62 -13.75 -15.23
N VAL A 70 -1.98 -13.35 -16.45
CA VAL A 70 -1.36 -12.16 -17.05
C VAL A 70 -1.73 -10.91 -16.26
N LEU A 71 -2.99 -10.82 -15.82
CA LEU A 71 -3.39 -9.68 -14.99
C LEU A 71 -2.67 -9.69 -13.65
N TYR A 72 -2.53 -10.86 -13.03
CA TYR A 72 -1.84 -10.95 -11.75
C TYR A 72 -0.36 -10.63 -11.91
N LEU A 73 0.24 -11.02 -13.04
CA LEU A 73 1.64 -10.68 -13.29
C LEU A 73 1.82 -9.18 -13.47
N SER A 74 0.88 -8.53 -14.17
CA SER A 74 0.98 -7.09 -14.37
C SER A 74 0.78 -6.32 -13.07
N LEU A 75 -0.01 -6.87 -12.14
CA LEU A 75 -0.21 -6.25 -10.84
C LEU A 75 0.87 -6.64 -9.84
N ASN A 76 1.70 -7.62 -10.16
CA ASN A 76 2.66 -8.21 -9.22
C ASN A 76 1.93 -8.69 -7.96
N HIS A 77 0.82 -9.38 -8.18
CA HIS A 77 0.00 -9.94 -7.11
C HIS A 77 0.02 -11.46 -7.20
N LEU A 78 0.04 -12.11 -6.04
CA LEU A 78 0.01 -13.56 -5.98
C LEU A 78 -1.39 -14.13 -6.03
N GLY A 79 -2.41 -13.31 -5.81
CA GLY A 79 -3.78 -13.74 -5.84
C GLY A 79 -4.71 -12.79 -5.11
N PRO A 80 -5.86 -13.28 -4.67
CA PRO A 80 -6.78 -12.45 -3.89
C PRO A 80 -6.14 -12.04 -2.58
N PRO A 81 -6.34 -10.79 -2.15
CA PRO A 81 -5.68 -10.33 -0.91
C PRO A 81 -6.16 -11.03 0.35
N GLN A 82 -7.40 -11.51 0.37
CA GLN A 82 -7.90 -12.18 1.57
C GLN A 82 -7.30 -13.57 1.77
N GLN A 83 -6.63 -14.13 0.76
CA GLN A 83 -6.01 -15.43 0.89
C GLN A 83 -4.66 -15.37 1.60
N GLY A 84 -4.05 -14.18 1.68
CA GLY A 84 -2.86 -14.00 2.49
C GLY A 84 -1.60 -14.64 1.96
N LEU A 85 -1.51 -14.87 0.65
CA LEU A 85 -0.28 -15.41 0.08
C LEU A 85 0.84 -14.37 0.13
N ALA A 86 2.05 -14.84 0.42
CA ALA A 86 3.21 -13.96 0.49
C ALA A 86 4.44 -14.72 0.04
N LEU A 87 5.31 -14.05 -0.72
CA LEU A 87 6.46 -14.71 -1.32
C LEU A 87 7.41 -15.24 -0.25
N GLY A 88 7.64 -14.46 0.80
CA GLY A 88 8.59 -14.88 1.83
C GLY A 88 10.02 -14.93 1.33
N VAL A 89 10.39 -14.02 0.44
CA VAL A 89 11.71 -13.97 -0.16
C VAL A 89 12.30 -12.60 0.09
N GLY A 90 13.37 -12.54 0.87
CA GLY A 90 14.03 -11.27 1.12
C GLY A 90 14.98 -10.87 0.01
N ASP A 91 15.46 -9.63 0.10
CA ASP A 91 16.43 -9.15 -0.89
C ASP A 91 17.72 -9.95 -0.84
N GLY A 92 18.15 -10.35 0.36
CA GLY A 92 19.33 -11.19 0.48
C GLY A 92 19.15 -12.56 -0.13
N VAL A 93 17.94 -13.13 -0.04
CA VAL A 93 17.68 -14.43 -0.64
C VAL A 93 17.63 -14.31 -2.16
N LEU A 94 16.97 -13.26 -2.67
CA LEU A 94 16.93 -13.05 -4.12
C LEU A 94 18.33 -12.84 -4.67
N LEU A 95 19.17 -12.08 -3.96
CA LEU A 95 20.54 -11.87 -4.41
C LEU A 95 21.34 -13.16 -4.39
N LYS A 96 21.12 -14.01 -3.38
CA LYS A 96 21.79 -15.31 -3.35
C LYS A 96 21.34 -16.19 -4.51
N ALA A 97 20.08 -16.09 -4.90
CA ALA A 97 19.60 -16.85 -6.04
C ALA A 97 20.16 -16.29 -7.35
N VAL A 98 20.29 -14.96 -7.43
CA VAL A 98 20.86 -14.34 -8.64
C VAL A 98 22.32 -14.75 -8.79
N ALA A 99 23.10 -14.65 -7.72
CA ALA A 99 24.51 -14.98 -7.79
C ALA A 99 24.73 -16.43 -8.17
N GLN A 100 23.94 -17.35 -7.58
CA GLN A 100 24.08 -18.76 -7.91
C GLN A 100 23.65 -19.04 -9.34
N ALA A 101 22.65 -18.33 -9.85
CA ALA A 101 22.17 -18.59 -11.20
C ALA A 101 23.12 -18.07 -12.26
N THR A 102 23.81 -16.96 -11.98
CA THR A 102 24.73 -16.35 -12.94
C THR A 102 26.17 -16.82 -12.78
N GLY A 103 26.48 -17.58 -11.73
CA GLY A 103 27.82 -18.04 -11.51
C GLY A 103 28.76 -17.01 -10.91
N ARG A 104 28.22 -15.93 -10.35
CA ARG A 104 29.03 -14.87 -9.76
C ARG A 104 29.00 -14.96 -8.24
N GLN A 105 29.90 -14.21 -7.61
CA GLN A 105 29.98 -14.19 -6.16
C GLN A 105 28.91 -13.28 -5.58
N LEU A 106 28.55 -13.55 -4.33
CA LEU A 106 27.46 -12.80 -3.69
C LEU A 106 27.83 -11.34 -3.48
N GLU A 107 29.10 -11.08 -3.13
CA GLU A 107 29.52 -9.69 -2.91
C GLU A 107 29.50 -8.89 -4.21
N SER A 108 29.79 -9.53 -5.34
CA SER A 108 29.79 -8.82 -6.61
C SER A 108 28.38 -8.39 -7.00
N VAL A 109 27.41 -9.30 -6.88
CA VAL A 109 26.05 -8.97 -7.30
C VAL A 109 25.38 -8.03 -6.30
N ARG A 110 25.79 -8.08 -5.03
CA ARG A 110 25.20 -7.19 -4.04
C ARG A 110 25.70 -5.76 -4.21
N ALA A 111 26.99 -5.60 -4.53
CA ALA A 111 27.51 -4.26 -4.79
C ALA A 111 26.87 -3.65 -6.03
N GLU A 112 26.63 -4.47 -7.06
CA GLU A 112 26.01 -3.97 -8.28
C GLU A 112 24.54 -3.62 -8.04
N ALA A 113 23.82 -4.44 -7.29
CA ALA A 113 22.40 -4.18 -7.04
C ALA A 113 22.21 -2.90 -6.24
N ALA A 114 23.11 -2.62 -5.30
CA ALA A 114 23.01 -1.37 -4.54
C ALA A 114 23.40 -0.17 -5.40
N GLU A 115 24.43 -0.32 -6.24
CA GLU A 115 24.85 0.78 -7.09
C GLU A 115 23.81 1.08 -8.16
N LYS A 116 23.20 0.05 -8.73
CA LYS A 116 22.19 0.25 -9.76
C LYS A 116 20.81 0.53 -9.19
N GLY A 117 20.58 0.20 -7.91
CA GLY A 117 19.27 0.38 -7.33
C GLY A 117 18.20 -0.49 -7.93
N ASP A 118 18.57 -1.61 -8.55
CA ASP A 118 17.62 -2.49 -9.22
C ASP A 118 18.25 -3.87 -9.34
N VAL A 119 17.59 -4.89 -8.79
CA VAL A 119 18.10 -6.24 -8.92
C VAL A 119 17.85 -6.78 -10.32
N GLY A 120 16.83 -6.29 -11.02
CA GLY A 120 16.53 -6.81 -12.34
C GLY A 120 17.62 -6.55 -13.34
N LEU A 121 18.29 -5.40 -13.24
CA LEU A 121 19.39 -5.10 -14.15
C LEU A 121 20.59 -6.01 -13.91
N VAL A 122 20.78 -6.47 -12.67
CA VAL A 122 21.88 -7.36 -12.36
C VAL A 122 21.60 -8.77 -12.86
N ALA A 123 20.40 -9.28 -12.60
CA ALA A 123 20.06 -10.64 -12.98
C ALA A 123 20.00 -10.84 -14.49
N GLU A 124 19.82 -9.76 -15.26
CA GLU A 124 19.68 -9.86 -16.70
C GLU A 124 21.01 -9.79 -17.42
N ASN A 125 21.87 -8.85 -17.05
CA ASN A 125 23.13 -8.62 -17.75
C ASN A 125 24.21 -9.60 -17.30
N SER A 126 23.81 -10.77 -16.81
CA SER A 126 24.75 -11.81 -16.38
C SER A 126 24.23 -13.14 -16.89
N ARG A 127 24.92 -13.72 -17.87
CA ARG A 127 24.53 -15.00 -18.43
C ARG A 127 25.74 -15.91 -18.64
N SER A 128 26.75 -15.78 -17.77
CA SER A 128 27.95 -16.61 -17.87
C SER A 128 27.67 -18.09 -17.63
N THR A 129 26.47 -18.43 -17.16
CA THR A 129 26.05 -19.82 -17.03
C THR A 129 25.07 -20.25 -18.13
N GLN A 130 24.58 -19.30 -18.93
CA GLN A 130 23.69 -19.67 -20.04
C GLN A 130 24.45 -20.35 -21.16
N ARG A 131 25.73 -20.03 -21.34
CA ARG A 131 26.59 -20.68 -22.32
C ARG A 131 27.08 -22.05 -21.83
N LEU A 132 26.43 -22.62 -20.83
CA LEU A 132 26.82 -23.92 -20.27
C LEU A 132 25.89 -25.05 -20.69
N MET A 133 24.62 -24.75 -20.94
CA MET A 133 23.64 -25.78 -21.27
C MET A 133 22.80 -25.31 -22.46
N LEU A 134 22.09 -26.27 -23.06
CA LEU A 134 21.13 -25.94 -24.09
C LEU A 134 19.96 -25.16 -23.49
N PRO A 135 19.39 -24.22 -24.24
CA PRO A 135 18.33 -23.36 -23.67
C PRO A 135 17.15 -24.18 -23.21
N PRO A 136 16.71 -23.97 -21.97
CA PRO A 136 15.52 -24.68 -21.47
C PRO A 136 14.28 -24.25 -22.25
N PRO A 137 13.19 -25.01 -22.15
CA PRO A 137 11.97 -24.63 -22.86
C PRO A 137 11.51 -23.25 -22.44
N PRO A 138 10.91 -22.50 -23.36
CA PRO A 138 10.58 -21.09 -23.07
C PRO A 138 9.56 -20.97 -21.95
N LEU A 139 9.65 -19.86 -21.22
CA LEU A 139 8.77 -19.61 -20.10
C LEU A 139 7.39 -19.16 -20.58
N THR A 140 6.35 -19.65 -19.91
CA THR A 140 4.98 -19.25 -20.17
C THR A 140 4.48 -18.35 -19.05
N ALA A 141 3.44 -17.57 -19.36
CA ALA A 141 2.89 -16.64 -18.38
C ALA A 141 2.25 -17.40 -17.22
N SER A 142 1.41 -18.39 -17.51
CA SER A 142 0.80 -19.18 -16.45
C SER A 142 1.82 -20.01 -15.72
N GLY A 143 2.86 -20.48 -16.41
CA GLY A 143 3.90 -21.25 -15.75
C GLY A 143 4.72 -20.41 -14.78
N VAL A 144 5.05 -19.18 -15.18
CA VAL A 144 5.78 -18.29 -14.29
C VAL A 144 4.93 -17.92 -13.09
N PHE A 145 3.63 -17.67 -13.32
CA PHE A 145 2.74 -17.30 -12.23
C PHE A 145 2.58 -18.43 -11.22
N SER A 146 2.45 -19.67 -11.72
CA SER A 146 2.31 -20.81 -10.81
C SER A 146 3.60 -21.04 -10.01
N LYS A 147 4.76 -20.81 -10.64
CA LYS A 147 6.01 -20.93 -9.91
C LYS A 147 6.14 -19.86 -8.82
N PHE A 148 5.59 -18.66 -9.07
CA PHE A 148 5.55 -17.64 -8.03
C PHE A 148 4.71 -18.11 -6.84
N ARG A 149 3.56 -18.73 -7.13
CA ARG A 149 2.73 -19.26 -6.05
C ARG A 149 3.39 -20.45 -5.36
N ASP A 150 4.19 -21.22 -6.10
CA ASP A 150 4.94 -22.32 -5.49
C ASP A 150 5.93 -21.79 -4.47
N ILE A 151 6.62 -20.69 -4.80
CA ILE A 151 7.55 -20.08 -3.85
C ILE A 151 6.81 -19.62 -2.61
N ALA A 152 5.67 -18.93 -2.81
CA ALA A 152 4.91 -18.40 -1.69
C ALA A 152 4.34 -19.50 -0.79
N ARG A 153 4.16 -20.71 -1.32
CA ARG A 153 3.54 -21.78 -0.56
C ARG A 153 4.54 -22.59 0.25
N LEU A 154 5.83 -22.48 -0.03
CA LEU A 154 6.83 -23.23 0.72
C LEU A 154 6.97 -22.65 2.12
N THR A 155 6.77 -23.49 3.14
CA THR A 155 6.86 -23.07 4.53
C THR A 155 7.67 -24.10 5.32
N GLY A 156 8.07 -23.70 6.52
CA GLY A 156 8.77 -24.59 7.42
C GLY A 156 10.28 -24.51 7.29
N SER A 157 10.94 -25.50 7.89
CA SER A 157 12.39 -25.56 7.87
C SER A 157 12.90 -25.93 6.49
N ALA A 158 14.05 -25.37 6.13
CA ALA A 158 14.71 -25.59 4.84
C ALA A 158 13.86 -25.12 3.66
N SER A 159 12.84 -24.30 3.91
CA SER A 159 12.01 -23.81 2.82
C SER A 159 12.73 -22.74 2.00
N THR A 160 13.62 -21.98 2.64
CA THR A 160 14.37 -20.95 1.92
C THR A 160 15.21 -21.55 0.80
N ALA A 161 15.89 -22.66 1.06
CA ALA A 161 16.67 -23.33 0.02
C ALA A 161 15.78 -23.82 -1.11
N LYS A 162 14.55 -24.22 -0.80
CA LYS A 162 13.63 -24.66 -1.85
C LYS A 162 13.10 -23.47 -2.66
N LYS A 163 12.93 -22.31 -2.02
CA LYS A 163 12.55 -21.12 -2.77
C LYS A 163 13.66 -20.69 -3.71
N ILE A 164 14.91 -20.78 -3.27
CA ILE A 164 16.04 -20.40 -4.11
C ILE A 164 16.09 -21.26 -5.36
N ASP A 165 15.89 -22.57 -5.21
CA ASP A 165 15.96 -23.48 -6.35
C ASP A 165 14.90 -23.15 -7.40
N ILE A 166 13.71 -22.76 -6.96
CA ILE A 166 12.67 -22.38 -7.91
C ILE A 166 13.04 -21.08 -8.61
N ILE A 167 13.57 -20.10 -7.86
CA ILE A 167 14.02 -18.85 -8.46
C ILE A 167 15.18 -19.11 -9.41
N LYS A 168 16.06 -20.05 -9.06
CA LYS A 168 17.17 -20.40 -9.93
C LYS A 168 16.68 -21.02 -11.24
N GLY A 169 15.67 -21.89 -11.16
CA GLY A 169 15.13 -22.50 -12.36
C GLY A 169 14.48 -21.50 -13.30
N LEU A 170 13.88 -20.45 -12.74
CA LEU A 170 13.30 -19.40 -13.58
C LEU A 170 14.38 -18.62 -14.31
N PHE A 171 15.48 -18.31 -13.63
CA PHE A 171 16.53 -17.49 -14.23
C PHE A 171 17.25 -18.24 -15.35
N VAL A 172 17.52 -19.53 -15.17
CA VAL A 172 18.21 -20.29 -16.20
C VAL A 172 17.34 -20.43 -17.45
N ALA A 173 16.02 -20.32 -17.31
CA ALA A 173 15.12 -20.35 -18.45
C ALA A 173 14.83 -18.96 -19.00
N CYS A 174 15.36 -17.91 -18.37
CA CYS A 174 15.10 -16.55 -18.82
C CYS A 174 15.97 -16.20 -20.02
N ARG A 175 15.37 -15.50 -20.99
CA ARG A 175 16.08 -14.97 -22.14
C ARG A 175 15.61 -13.56 -22.40
N HIS A 176 16.46 -12.77 -23.06
CA HIS A 176 16.17 -11.38 -23.41
C HIS A 176 15.95 -10.59 -22.13
N SER A 177 14.74 -10.06 -21.88
CA SER A 177 14.48 -9.20 -20.73
C SER A 177 13.65 -9.88 -19.66
N GLU A 178 13.49 -11.22 -19.73
CA GLU A 178 12.63 -11.90 -18.77
C GLU A 178 13.23 -11.87 -17.37
N ALA A 179 14.56 -12.01 -17.25
CA ALA A 179 15.19 -12.03 -15.94
C ALA A 179 15.03 -10.70 -15.21
N ARG A 180 15.04 -9.59 -15.95
CA ARG A 180 14.92 -8.28 -15.31
C ARG A 180 13.57 -8.13 -14.61
N PHE A 181 12.50 -8.63 -15.23
CA PHE A 181 11.17 -8.46 -14.68
C PHE A 181 10.80 -9.55 -13.69
N ILE A 182 11.37 -10.74 -13.82
CA ILE A 182 11.14 -11.77 -12.80
C ILE A 182 11.85 -11.40 -11.51
N ALA A 183 13.10 -10.92 -11.61
CA ALA A 183 13.80 -10.46 -10.42
C ALA A 183 13.13 -9.24 -9.81
N ARG A 184 12.61 -8.34 -10.66
CA ARG A 184 11.88 -7.18 -10.16
C ARG A 184 10.60 -7.61 -9.45
N SER A 185 9.92 -8.63 -9.97
CA SER A 185 8.68 -9.09 -9.36
C SER A 185 8.95 -9.73 -8.00
N LEU A 186 10.00 -10.53 -7.89
CA LEU A 186 10.29 -11.21 -6.64
C LEU A 186 10.69 -10.22 -5.55
N SER A 187 11.39 -9.16 -5.92
CA SER A 187 11.75 -8.11 -4.98
C SER A 187 10.61 -7.14 -4.69
N GLY A 188 9.46 -7.32 -5.33
CA GLY A 188 8.32 -6.47 -5.07
C GLY A 188 8.44 -5.06 -5.61
N ARG A 189 9.27 -4.84 -6.63
CA ARG A 189 9.48 -3.52 -7.21
C ARG A 189 9.41 -3.65 -8.74
N LEU A 190 8.21 -3.87 -9.27
CA LEU A 190 8.05 -4.03 -10.71
C LEU A 190 8.43 -2.76 -11.46
N ARG A 191 8.18 -1.59 -10.86
CA ARG A 191 8.67 -0.31 -11.38
C ARG A 191 8.13 -0.01 -12.77
N LEU A 192 6.88 -0.41 -13.03
CA LEU A 192 6.30 -0.21 -14.36
C LEU A 192 5.72 1.18 -14.55
N GLY A 193 5.36 1.87 -13.48
CA GLY A 193 4.60 3.09 -13.58
C GLY A 193 3.11 2.87 -13.77
N LEU A 194 2.68 1.62 -13.89
CA LEU A 194 1.28 1.25 -14.07
C LEU A 194 0.90 0.27 -12.97
N ALA A 195 -0.28 0.47 -12.37
CA ALA A 195 -0.69 -0.36 -11.25
C ALA A 195 -2.16 -0.73 -11.32
N GLU A 196 -2.84 -0.73 -10.17
CA GLU A 196 -4.20 -1.27 -10.08
C GLU A 196 -5.18 -0.47 -10.94
N GLN A 197 -5.14 0.86 -10.83
CA GLN A 197 -6.13 1.67 -11.54
C GLN A 197 -5.94 1.60 -13.04
N SER A 198 -4.68 1.56 -13.50
CA SER A 198 -4.42 1.47 -14.94
C SER A 198 -4.67 0.06 -15.48
N VAL A 199 -4.42 -0.97 -14.68
CA VAL A 199 -4.75 -2.33 -15.10
C VAL A 199 -6.25 -2.48 -15.29
N LEU A 200 -7.03 -1.94 -14.34
CA LEU A 200 -8.48 -1.98 -14.47
C LEU A 200 -8.94 -1.23 -15.71
N ALA A 201 -8.30 -0.10 -16.03
CA ALA A 201 -8.64 0.63 -17.24
C ALA A 201 -8.27 -0.16 -18.48
N ALA A 202 -7.10 -0.80 -18.47
CA ALA A 202 -6.69 -1.60 -19.63
C ALA A 202 -7.58 -2.83 -19.80
N LEU A 203 -8.08 -3.40 -18.70
CA LEU A 203 -8.94 -4.57 -18.80
C LEU A 203 -10.29 -4.22 -19.40
N SER A 204 -10.91 -3.13 -18.92
CA SER A 204 -12.21 -2.74 -19.44
C SER A 204 -12.12 -2.29 -20.89
N GLN A 205 -11.01 -1.66 -21.28
CA GLN A 205 -10.84 -1.26 -22.67
C GLN A 205 -10.62 -2.47 -23.57
N ALA A 206 -9.87 -3.47 -23.08
CA ALA A 206 -9.57 -4.64 -23.89
C ALA A 206 -10.82 -5.46 -24.15
N VAL A 207 -11.65 -5.68 -23.13
CA VAL A 207 -12.86 -6.48 -23.31
C VAL A 207 -13.97 -5.70 -24.00
N SER A 208 -13.88 -4.37 -24.03
CA SER A 208 -14.84 -3.59 -24.81
C SER A 208 -14.46 -3.57 -26.28
N LEU A 209 -13.18 -3.40 -26.59
CA LEU A 209 -12.73 -3.43 -27.97
C LEU A 209 -12.81 -4.84 -28.55
N THR A 210 -12.27 -5.82 -27.81
CA THR A 210 -12.30 -7.23 -28.21
C THR A 210 -13.14 -7.99 -27.20
N PRO A 211 -14.45 -8.16 -27.45
CA PRO A 211 -15.30 -8.82 -26.47
C PRO A 211 -14.91 -10.27 -26.30
N PRO A 212 -15.13 -10.85 -25.12
CA PRO A 212 -14.85 -12.28 -24.93
C PRO A 212 -16.01 -13.16 -25.37
N GLY A 213 -15.86 -14.47 -25.20
CA GLY A 213 -16.92 -15.41 -25.54
C GLY A 213 -17.19 -15.57 -27.02
N GLN A 214 -16.29 -15.10 -27.88
CA GLN A 214 -16.47 -15.21 -29.31
C GLN A 214 -15.79 -16.46 -29.86
N GLU A 215 -16.23 -16.89 -31.03
CA GLU A 215 -15.57 -17.99 -31.72
C GLU A 215 -14.35 -17.47 -32.48
N PHE A 216 -13.43 -18.38 -32.79
CA PHE A 216 -12.18 -17.97 -33.40
C PHE A 216 -12.11 -18.40 -34.87
N PRO A 217 -11.56 -17.55 -35.78
CA PRO A 217 -11.22 -16.14 -35.62
C PRO A 217 -12.36 -15.27 -35.07
N PRO A 218 -12.02 -14.20 -34.34
CA PRO A 218 -13.07 -13.42 -33.67
C PRO A 218 -13.79 -12.51 -34.65
N ALA A 219 -15.12 -12.55 -34.62
CA ALA A 219 -15.92 -11.70 -35.52
C ALA A 219 -15.67 -10.23 -35.22
N MET A 220 -15.60 -9.86 -33.95
CA MET A 220 -15.33 -8.49 -33.54
C MET A 220 -13.97 -8.44 -32.84
N VAL A 221 -13.09 -7.58 -33.36
CA VAL A 221 -11.79 -7.34 -32.72
C VAL A 221 -11.61 -5.90 -32.28
N ASP A 222 -12.36 -4.94 -32.83
CA ASP A 222 -12.26 -3.53 -32.47
C ASP A 222 -13.67 -2.94 -32.57
N ALA A 223 -14.41 -3.02 -31.46
CA ALA A 223 -15.77 -2.50 -31.41
C ALA A 223 -15.83 -0.97 -31.42
N GLY A 224 -14.71 -0.27 -31.57
CA GLY A 224 -14.72 1.18 -31.64
C GLY A 224 -14.41 1.70 -33.04
N LYS A 225 -14.63 0.86 -34.05
CA LYS A 225 -14.31 1.24 -35.42
C LYS A 225 -15.21 2.37 -35.91
N GLY A 226 -16.52 2.14 -35.91
CA GLY A 226 -17.46 3.12 -36.42
C GLY A 226 -17.95 4.10 -35.37
N LYS A 227 -17.04 4.71 -34.62
CA LYS A 227 -17.38 5.67 -33.59
C LYS A 227 -16.51 6.91 -33.75
N THR A 228 -17.05 8.05 -33.32
CA THR A 228 -16.29 9.29 -33.33
C THR A 228 -15.32 9.31 -32.14
N ALA A 229 -14.50 10.35 -32.10
CA ALA A 229 -13.53 10.47 -31.01
C ALA A 229 -14.23 10.67 -29.67
N GLU A 230 -15.21 11.58 -29.61
CA GLU A 230 -15.94 11.80 -28.37
C GLU A 230 -16.89 10.64 -28.07
N ALA A 231 -17.31 9.91 -29.10
CA ALA A 231 -18.20 8.76 -28.87
C ALA A 231 -17.43 7.59 -28.29
N ARG A 232 -16.29 7.26 -28.88
CA ARG A 232 -15.45 6.19 -28.33
C ARG A 232 -14.90 6.56 -26.96
N LYS A 233 -14.68 7.86 -26.73
CA LYS A 233 -14.20 8.31 -25.42
C LYS A 233 -15.23 8.01 -24.33
N THR A 234 -16.44 8.54 -24.48
CA THR A 234 -17.47 8.36 -23.47
C THR A 234 -17.94 6.91 -23.35
N TRP A 235 -17.79 6.12 -24.42
CA TRP A 235 -18.18 4.71 -24.34
C TRP A 235 -17.20 3.92 -23.48
N LEU A 236 -15.91 4.24 -23.57
CA LEU A 236 -14.91 3.48 -22.82
C LEU A 236 -14.93 3.85 -21.33
N GLU A 237 -15.22 5.10 -20.99
CA GLU A 237 -15.32 5.47 -19.58
C GLU A 237 -16.52 4.80 -18.93
N GLU A 238 -17.66 4.76 -19.62
CA GLU A 238 -18.83 4.09 -19.09
C GLU A 238 -18.54 2.61 -18.84
N GLN A 239 -17.79 1.98 -19.72
CA GLN A 239 -17.39 0.59 -19.51
C GLN A 239 -16.40 0.46 -18.37
N GLY A 240 -15.41 1.36 -18.32
CA GLY A 240 -14.44 1.31 -17.24
C GLY A 240 -15.04 1.54 -15.87
N MET A 241 -16.12 2.33 -15.81
CA MET A 241 -16.77 2.57 -14.53
C MET A 241 -17.54 1.35 -14.05
N ILE A 242 -18.09 0.57 -14.98
CA ILE A 242 -18.77 -0.67 -14.60
C ILE A 242 -17.80 -1.63 -13.95
N LEU A 243 -16.60 -1.76 -14.53
CA LEU A 243 -15.60 -2.67 -13.98
C LEU A 243 -15.04 -2.15 -12.66
N LYS A 244 -14.83 -0.84 -12.57
CA LYS A 244 -14.22 -0.27 -11.36
C LYS A 244 -15.17 -0.32 -10.17
N GLN A 245 -16.46 -0.06 -10.39
CA GLN A 245 -17.41 -0.07 -9.29
C GLN A 245 -17.62 -1.47 -8.75
N THR A 246 -17.61 -2.48 -9.63
CA THR A 246 -17.77 -3.85 -9.18
C THR A 246 -16.49 -4.39 -8.55
N PHE A 247 -15.32 -3.96 -9.03
CA PHE A 247 -14.08 -4.36 -8.38
C PHE A 247 -13.95 -3.73 -7.00
N CYS A 248 -14.48 -2.53 -6.82
CA CYS A 248 -14.49 -1.93 -5.47
C CYS A 248 -15.45 -2.69 -4.55
N GLU A 249 -16.48 -3.30 -5.11
CA GLU A 249 -17.38 -4.13 -4.32
C GLU A 249 -16.80 -5.51 -4.07
N VAL A 250 -16.17 -6.11 -5.09
CA VAL A 250 -15.55 -7.43 -4.97
C VAL A 250 -14.15 -7.37 -5.56
N PRO A 251 -13.14 -6.93 -4.81
CA PRO A 251 -11.76 -6.91 -5.34
C PRO A 251 -11.14 -8.30 -5.35
N ASP A 252 -11.61 -9.12 -6.28
CA ASP A 252 -11.20 -10.52 -6.36
C ASP A 252 -11.22 -10.91 -7.84
N LEU A 253 -10.04 -10.95 -8.46
CA LEU A 253 -9.95 -11.33 -9.86
C LEU A 253 -10.34 -12.79 -10.07
N ASP A 254 -10.17 -13.63 -9.05
CA ASP A 254 -10.61 -15.01 -9.14
C ASP A 254 -12.12 -15.13 -9.30
N ARG A 255 -12.88 -14.13 -8.86
CA ARG A 255 -14.33 -14.13 -8.99
C ARG A 255 -14.83 -13.29 -10.17
N ILE A 256 -14.10 -12.25 -10.54
CA ILE A 256 -14.54 -11.34 -11.59
C ILE A 256 -14.17 -11.86 -12.98
N ILE A 257 -12.95 -12.37 -13.15
CA ILE A 257 -12.50 -12.78 -14.48
C ILE A 257 -13.32 -13.93 -15.06
N PRO A 258 -13.67 -14.99 -14.30
CA PRO A 258 -14.52 -16.03 -14.90
C PRO A 258 -15.89 -15.53 -15.29
N VAL A 259 -16.52 -14.71 -14.44
CA VAL A 259 -17.80 -14.11 -14.80
C VAL A 259 -17.64 -13.19 -15.99
N LEU A 260 -16.52 -12.47 -16.06
CA LEU A 260 -16.28 -11.57 -17.18
C LEU A 260 -16.18 -12.33 -18.50
N LEU A 261 -15.49 -13.47 -18.50
CA LEU A 261 -15.29 -14.24 -19.72
C LEU A 261 -16.53 -15.01 -20.15
N GLU A 262 -17.55 -15.09 -19.31
CA GLU A 262 -18.77 -15.85 -19.61
C GLU A 262 -19.97 -14.98 -19.93
N HIS A 263 -20.16 -13.88 -19.20
CA HIS A 263 -21.31 -13.01 -19.41
C HIS A 263 -20.96 -11.64 -19.95
N GLY A 264 -19.68 -11.29 -20.02
CA GLY A 264 -19.28 -9.98 -20.51
C GLY A 264 -19.32 -8.92 -19.43
N LEU A 265 -18.87 -7.73 -19.81
CA LEU A 265 -18.80 -6.62 -18.86
C LEU A 265 -20.18 -6.08 -18.50
N GLU A 266 -21.15 -6.21 -19.41
CA GLU A 266 -22.47 -5.64 -19.16
C GLU A 266 -23.21 -6.38 -18.04
N ARG A 267 -23.12 -7.70 -18.02
CA ARG A 267 -23.82 -8.52 -17.04
C ARG A 267 -23.02 -8.74 -15.75
N LEU A 268 -21.86 -8.09 -15.62
CA LEU A 268 -21.03 -8.33 -14.43
C LEU A 268 -21.68 -7.83 -13.15
N PRO A 269 -22.24 -6.62 -13.08
CA PRO A 269 -22.83 -6.17 -11.80
C PRO A 269 -23.98 -7.03 -11.31
N GLU A 270 -24.55 -7.88 -12.17
CA GLU A 270 -25.63 -8.77 -11.75
C GLU A 270 -25.11 -10.01 -11.05
N HIS A 271 -23.85 -10.38 -11.26
CA HIS A 271 -23.26 -11.57 -10.68
C HIS A 271 -22.34 -11.27 -9.51
N CYS A 272 -21.58 -10.18 -9.57
CA CYS A 272 -20.63 -9.81 -8.53
C CYS A 272 -21.12 -8.53 -7.86
N LYS A 273 -21.88 -8.70 -6.79
CA LYS A 273 -22.40 -7.59 -6.00
C LYS A 273 -21.82 -7.63 -4.60
N LEU A 274 -21.97 -6.52 -3.88
CA LEU A 274 -21.51 -6.45 -2.50
C LEU A 274 -22.30 -7.43 -1.64
N SER A 275 -21.57 -8.25 -0.89
CA SER A 275 -22.19 -9.25 -0.03
C SER A 275 -21.32 -9.46 1.21
N PRO A 276 -21.93 -9.73 2.36
CA PRO A 276 -21.13 -9.99 3.56
C PRO A 276 -20.25 -11.22 3.37
N GLY A 277 -19.15 -11.24 4.13
CA GLY A 277 -18.15 -12.28 3.99
C GLY A 277 -17.13 -12.05 2.90
N ILE A 278 -17.44 -11.20 1.93
CA ILE A 278 -16.52 -10.83 0.86
C ILE A 278 -16.04 -9.42 1.14
N PRO A 279 -14.74 -9.20 1.39
CA PRO A 279 -14.27 -7.86 1.72
C PRO A 279 -14.39 -6.92 0.53
N LEU A 280 -14.59 -5.64 0.83
CA LEU A 280 -14.70 -4.60 -0.18
C LEU A 280 -13.65 -3.52 0.06
N LYS A 281 -13.36 -2.77 -1.00
CA LYS A 281 -12.36 -1.71 -0.90
C LYS A 281 -12.88 -0.60 0.01
N PRO A 282 -12.09 -0.14 0.98
CA PRO A 282 -12.57 0.89 1.91
C PRO A 282 -12.50 2.27 1.30
N MET A 283 -13.22 3.20 1.93
CA MET A 283 -13.18 4.60 1.54
C MET A 283 -11.94 5.26 2.15
N LEU A 284 -11.18 5.96 1.32
CA LEU A 284 -9.94 6.59 1.75
C LEU A 284 -10.15 8.08 1.99
N ALA A 285 -9.11 8.71 2.56
CA ALA A 285 -9.16 10.11 2.93
C ALA A 285 -7.99 10.86 2.30
N HIS A 286 -8.27 12.03 1.76
CA HIS A 286 -7.29 12.95 1.18
C HIS A 286 -6.80 13.90 2.25
N PRO A 287 -5.48 14.13 2.37
CA PRO A 287 -4.98 14.98 3.44
C PRO A 287 -5.27 16.45 3.16
N THR A 288 -5.90 17.11 4.12
CA THR A 288 -6.20 18.54 4.03
C THR A 288 -5.30 19.30 5.01
N ARG A 289 -4.78 20.45 4.54
CA ARG A 289 -3.75 21.17 5.26
C ARG A 289 -4.30 22.33 6.07
N GLY A 290 -5.62 22.40 6.26
CA GLY A 290 -6.19 23.48 7.04
C GLY A 290 -7.71 23.52 6.98
N ILE A 291 -8.32 24.22 7.93
CA ILE A 291 -9.77 24.34 7.97
C ILE A 291 -10.27 25.01 6.69
N SER A 292 -9.60 26.07 6.25
CA SER A 292 -10.02 26.78 5.05
C SER A 292 -10.02 25.88 3.83
N GLU A 293 -9.05 24.95 3.75
CA GLU A 293 -9.03 24.00 2.64
C GLU A 293 -10.21 23.04 2.70
N VAL A 294 -10.84 22.89 3.86
CA VAL A 294 -12.04 22.05 3.96
C VAL A 294 -13.26 22.80 3.44
N LEU A 295 -13.34 24.10 3.73
CA LEU A 295 -14.45 24.90 3.22
C LEU A 295 -14.44 24.97 1.69
N LYS A 296 -13.25 25.04 1.11
CA LYS A 296 -13.11 24.81 -0.32
C LYS A 296 -13.03 23.32 -0.61
N ARG A 297 -13.17 22.96 -1.88
CA ARG A 297 -13.22 21.55 -2.26
C ARG A 297 -14.59 20.96 -1.95
N PHE A 298 -15.10 21.23 -0.75
CA PHE A 298 -16.48 20.90 -0.42
C PHE A 298 -17.45 22.02 -0.79
N GLU A 299 -16.97 23.27 -0.78
CA GLU A 299 -17.71 24.44 -1.27
C GLU A 299 -19.00 24.56 -0.45
N GLU A 300 -20.17 24.71 -1.09
CA GLU A 300 -21.42 24.90 -0.37
C GLU A 300 -22.13 23.55 -0.23
N ALA A 301 -21.52 22.68 0.56
CA ALA A 301 -22.07 21.36 0.83
C ALA A 301 -21.90 21.04 2.31
N ALA A 302 -22.99 20.68 2.97
CA ALA A 302 -22.95 20.36 4.39
C ALA A 302 -22.11 19.10 4.62
N PHE A 303 -21.35 19.10 5.71
CA PHE A 303 -20.48 17.97 6.03
C PHE A 303 -20.50 17.75 7.55
N THR A 304 -19.78 16.73 7.99
CA THR A 304 -19.67 16.39 9.40
C THR A 304 -18.20 16.21 9.75
N CYS A 305 -17.89 16.35 11.04
CA CYS A 305 -16.54 16.19 11.56
C CYS A 305 -16.55 15.14 12.66
N GLU A 306 -15.71 14.13 12.52
CA GLU A 306 -15.63 13.03 13.47
C GLU A 306 -14.20 12.87 13.97
N TYR A 307 -14.07 12.33 15.17
CA TYR A 307 -12.76 12.08 15.75
C TYR A 307 -11.99 11.08 14.90
N LYS A 308 -10.72 11.38 14.64
CA LYS A 308 -9.83 10.46 13.92
C LYS A 308 -9.14 9.61 14.97
N TYR A 309 -9.63 8.38 15.13
CA TYR A 309 -9.08 7.47 16.14
C TYR A 309 -7.84 6.79 15.63
N ASP A 310 -6.86 6.60 16.53
CA ASP A 310 -5.57 6.02 16.19
C ASP A 310 -5.60 4.54 16.55
N GLY A 311 -6.04 3.71 15.62
CA GLY A 311 -6.10 2.27 15.82
C GLY A 311 -5.87 1.55 14.51
N GLN A 312 -6.64 0.50 14.27
CA GLN A 312 -6.56 -0.28 13.05
C GLN A 312 -7.97 -0.45 12.50
N ARG A 313 -8.13 -0.21 11.19
CA ARG A 313 -9.44 -0.28 10.57
C ARG A 313 -9.96 -1.71 10.58
N ALA A 314 -11.20 -1.89 11.02
CA ALA A 314 -11.84 -3.20 11.10
C ALA A 314 -13.13 -3.17 10.30
N GLN A 315 -13.16 -3.90 9.20
CA GLN A 315 -14.36 -4.05 8.37
C GLN A 315 -15.05 -5.34 8.79
N ILE A 316 -16.16 -5.22 9.50
CA ILE A 316 -16.83 -6.36 10.14
C ILE A 316 -18.03 -6.76 9.31
N HIS A 317 -18.09 -8.03 8.94
CA HIS A 317 -19.18 -8.58 8.15
C HIS A 317 -20.00 -9.53 9.01
N ALA A 318 -21.31 -9.33 9.03
CA ALA A 318 -22.24 -10.21 9.72
C ALA A 318 -23.11 -10.89 8.68
N LEU A 319 -22.87 -12.18 8.46
CA LEU A 319 -23.60 -12.92 7.43
C LEU A 319 -25.01 -13.27 7.91
N GLU A 320 -25.86 -13.59 6.95
CA GLU A 320 -27.26 -13.91 7.27
C GLU A 320 -27.37 -15.15 8.14
N GLY A 321 -26.42 -16.09 8.01
CA GLY A 321 -26.44 -17.29 8.81
C GLY A 321 -25.96 -17.13 10.24
N GLY A 322 -25.34 -15.99 10.55
CA GLY A 322 -24.84 -15.72 11.88
C GLY A 322 -23.32 -15.67 11.98
N GLU A 323 -22.62 -16.22 11.00
CA GLU A 323 -21.16 -16.19 11.01
C GLU A 323 -20.65 -14.76 10.89
N VAL A 324 -19.52 -14.49 11.55
CA VAL A 324 -18.95 -13.15 11.62
C VAL A 324 -17.55 -13.18 11.05
N LYS A 325 -17.23 -12.20 10.21
CA LYS A 325 -15.92 -12.09 9.59
C LYS A 325 -15.42 -10.66 9.72
N ILE A 326 -14.11 -10.52 9.86
CA ILE A 326 -13.45 -9.22 10.01
C ILE A 326 -12.31 -9.14 9.00
N PHE A 327 -12.20 -8.00 8.33
CA PHE A 327 -11.18 -7.78 7.32
C PHE A 327 -10.44 -6.48 7.59
N SER A 328 -9.15 -6.47 7.25
CA SER A 328 -8.34 -5.27 7.36
C SER A 328 -8.62 -4.33 6.19
N ARG A 329 -7.93 -3.18 6.18
CA ARG A 329 -8.12 -2.23 5.09
C ARG A 329 -7.48 -2.71 3.80
N ASN A 330 -6.62 -3.72 3.86
CA ASN A 330 -6.06 -4.35 2.68
C ASN A 330 -6.80 -5.63 2.30
N GLN A 331 -8.02 -5.80 2.81
CA GLN A 331 -8.86 -6.96 2.56
C GLN A 331 -8.27 -8.25 3.13
N ALA A 332 -7.36 -8.14 4.09
CA ALA A 332 -6.80 -9.33 4.73
C ALA A 332 -7.75 -9.86 5.79
N ASP A 333 -7.81 -11.18 5.93
CA ASP A 333 -8.68 -11.81 6.91
C ASP A 333 -8.14 -11.57 8.30
N ASN A 334 -8.89 -10.83 9.12
CA ASN A 334 -8.52 -10.57 10.52
C ASN A 334 -9.51 -11.22 11.49
N THR A 335 -10.25 -12.23 11.05
CA THR A 335 -11.26 -12.84 11.91
C THR A 335 -10.62 -13.51 13.11
N GLY A 336 -9.61 -14.35 12.87
CA GLY A 336 -8.91 -15.03 13.95
C GLY A 336 -8.08 -14.13 14.84
N LYS A 337 -8.05 -12.83 14.56
CA LYS A 337 -7.27 -11.89 15.37
C LYS A 337 -8.09 -11.29 16.51
N TYR A 338 -9.40 -11.16 16.33
CA TYR A 338 -10.28 -10.52 17.32
C TYR A 338 -11.34 -11.51 17.79
N PRO A 339 -10.98 -12.46 18.65
CA PRO A 339 -12.01 -13.32 19.26
C PRO A 339 -12.84 -12.58 20.28
N ASP A 340 -12.26 -11.59 20.95
CA ASP A 340 -13.02 -10.74 21.87
C ASP A 340 -14.12 -10.00 21.13
N ILE A 341 -13.86 -9.57 19.89
CA ILE A 341 -14.90 -8.91 19.11
C ILE A 341 -16.05 -9.89 18.87
N ILE A 342 -15.74 -11.05 18.28
CA ILE A 342 -16.78 -12.00 17.85
C ILE A 342 -17.75 -12.29 18.99
N SER A 343 -17.24 -12.42 20.22
CA SER A 343 -18.11 -12.68 21.36
C SER A 343 -19.07 -11.53 21.64
N ARG A 344 -18.78 -10.32 21.15
CA ARG A 344 -19.54 -9.14 21.48
C ARG A 344 -20.45 -8.64 20.36
N ILE A 345 -20.46 -9.32 19.21
CA ILE A 345 -21.38 -8.96 18.10
C ILE A 345 -22.83 -8.89 18.59
N PRO A 346 -23.32 -9.85 19.40
CA PRO A 346 -24.69 -9.72 19.91
C PRO A 346 -24.98 -8.40 20.62
N LYS A 347 -24.02 -7.87 21.36
CA LYS A 347 -24.25 -6.68 22.18
C LYS A 347 -24.27 -5.39 21.38
N ILE A 348 -23.96 -5.42 20.08
CA ILE A 348 -23.84 -4.19 19.30
C ILE A 348 -25.05 -3.92 18.41
N LYS A 349 -25.86 -4.92 18.10
CA LYS A 349 -26.97 -4.77 17.18
C LYS A 349 -28.29 -5.11 17.86
N LEU A 350 -29.37 -4.63 17.25
CA LEU A 350 -30.71 -4.92 17.72
C LEU A 350 -31.15 -6.30 17.23
N PRO A 351 -32.16 -6.90 17.87
CA PRO A 351 -32.66 -8.20 17.39
C PRO A 351 -33.19 -8.17 15.96
N SER A 352 -33.53 -7.00 15.44
CA SER A 352 -34.04 -6.89 14.07
C SER A 352 -32.95 -6.94 13.02
N VAL A 353 -31.69 -6.86 13.40
CA VAL A 353 -30.58 -6.87 12.44
C VAL A 353 -30.26 -8.31 12.08
N THR A 354 -30.26 -8.61 10.78
CA THR A 354 -29.97 -9.94 10.26
C THR A 354 -28.63 -10.04 9.57
N SER A 355 -28.19 -8.98 8.89
CA SER A 355 -26.90 -8.98 8.22
C SER A 355 -26.46 -7.53 8.04
N PHE A 356 -25.15 -7.31 8.12
CA PHE A 356 -24.61 -5.97 7.94
C PHE A 356 -23.13 -6.05 7.60
N ILE A 357 -22.60 -4.93 7.11
CA ILE A 357 -21.17 -4.73 6.95
C ILE A 357 -20.84 -3.40 7.63
N LEU A 358 -19.93 -3.43 8.59
CA LEU A 358 -19.62 -2.28 9.42
C LEU A 358 -18.22 -1.76 9.15
N ASP A 359 -18.09 -0.44 9.11
CA ASP A 359 -16.81 0.23 8.95
C ASP A 359 -16.46 0.88 10.29
N THR A 360 -15.54 0.25 11.02
CA THR A 360 -15.16 0.72 12.35
C THR A 360 -13.64 0.83 12.44
N GLU A 361 -13.19 1.34 13.58
CA GLU A 361 -11.76 1.43 13.89
C GLU A 361 -11.50 0.74 15.22
N ALA A 362 -10.69 -0.31 15.19
CA ALA A 362 -10.36 -1.03 16.42
C ALA A 362 -9.26 -0.29 17.16
N VAL A 363 -9.58 0.20 18.35
CA VAL A 363 -8.64 0.98 19.16
C VAL A 363 -8.38 0.22 20.46
N ALA A 364 -7.11 0.18 20.86
CA ALA A 364 -6.76 -0.44 22.14
C ALA A 364 -7.39 0.33 23.30
N TRP A 365 -7.93 -0.41 24.26
CA TRP A 365 -8.71 0.18 25.34
C TRP A 365 -8.23 -0.36 26.68
N ASP A 366 -8.11 0.54 27.65
CA ASP A 366 -7.79 0.18 29.03
C ASP A 366 -9.08 0.19 29.84
N ARG A 367 -9.50 -0.98 30.30
CA ARG A 367 -10.73 -1.07 31.09
C ARG A 367 -10.51 -0.64 32.54
N GLU A 368 -9.32 -0.85 33.08
CA GLU A 368 -9.02 -0.45 34.44
C GLU A 368 -8.94 1.07 34.59
N LYS A 369 -8.72 1.80 33.49
CA LYS A 369 -8.64 3.25 33.52
C LYS A 369 -9.71 3.93 32.67
N LYS A 370 -10.39 3.20 31.79
CA LYS A 370 -11.44 3.78 30.95
C LYS A 370 -10.89 4.84 30.01
N GLN A 371 -9.75 4.55 29.39
CA GLN A 371 -9.10 5.48 28.49
C GLN A 371 -8.63 4.76 27.24
N ILE A 372 -8.26 5.55 26.23
CA ILE A 372 -7.78 5.03 24.96
C ILE A 372 -6.27 4.85 25.04
N GLN A 373 -5.79 3.69 24.58
CA GLN A 373 -4.36 3.39 24.56
C GLN A 373 -3.76 3.66 23.18
N PRO A 374 -2.50 4.07 23.13
CA PRO A 374 -1.89 4.44 21.84
C PRO A 374 -1.77 3.25 20.91
N PHE A 375 -1.42 3.56 19.65
CA PHE A 375 -1.35 2.55 18.61
C PHE A 375 -0.30 1.48 18.92
N GLN A 376 0.78 1.87 19.61
CA GLN A 376 1.83 0.91 19.94
C GLN A 376 1.32 -0.21 20.84
N VAL A 377 0.40 0.12 21.75
CA VAL A 377 -0.17 -0.91 22.61
C VAL A 377 -1.05 -1.86 21.81
N LEU A 378 -1.75 -1.34 20.80
CA LEU A 378 -2.62 -2.17 19.98
C LEU A 378 -1.83 -3.19 19.17
N THR A 379 -0.64 -2.80 18.70
CA THR A 379 0.15 -3.67 17.85
C THR A 379 0.76 -4.85 18.60
N THR A 380 0.73 -4.84 19.93
CA THR A 380 1.27 -5.95 20.70
C THR A 380 0.32 -7.15 20.76
N ARG A 381 -0.89 -7.02 20.24
CA ARG A 381 -1.81 -8.14 20.17
C ARG A 381 -1.31 -9.18 19.18
N LYS A 382 -1.74 -10.42 19.39
CA LYS A 382 -1.38 -11.50 18.47
C LYS A 382 -2.17 -11.38 17.18
N ARG A 383 -1.65 -11.99 16.12
CA ARG A 383 -2.21 -11.86 14.79
C ARG A 383 -3.14 -13.00 14.40
N LYS A 384 -2.85 -14.23 14.82
CA LYS A 384 -3.68 -15.36 14.43
C LYS A 384 -3.67 -16.39 15.56
N GLU A 385 -4.58 -17.36 15.44
CA GLU A 385 -4.71 -18.46 16.39
C GLU A 385 -4.94 -17.96 17.82
N VAL A 386 -5.62 -16.83 17.96
CA VAL A 386 -5.83 -16.21 19.26
C VAL A 386 -7.07 -16.81 19.91
N ASP A 387 -6.92 -17.25 21.16
CA ASP A 387 -8.04 -17.69 21.98
C ASP A 387 -8.43 -16.56 22.93
N ALA A 388 -9.75 -16.36 23.08
CA ALA A 388 -10.25 -15.17 23.76
C ALA A 388 -9.75 -15.05 25.19
N SER A 389 -9.42 -16.17 25.83
CA SER A 389 -8.96 -16.12 27.21
C SER A 389 -7.61 -15.43 27.33
N GLU A 390 -6.72 -15.64 26.36
CA GLU A 390 -5.37 -15.10 26.40
C GLU A 390 -5.25 -13.70 25.83
N ILE A 391 -6.38 -13.07 25.48
CA ILE A 391 -6.34 -11.70 24.98
C ILE A 391 -5.97 -10.76 26.13
N GLN A 392 -4.83 -10.07 25.98
CA GLN A 392 -4.30 -9.22 27.03
C GLN A 392 -4.48 -7.73 26.77
N VAL A 393 -4.69 -7.33 25.52
CA VAL A 393 -4.94 -5.95 25.17
C VAL A 393 -6.37 -5.86 24.66
N GLN A 394 -7.24 -5.20 25.43
CA GLN A 394 -8.64 -5.08 25.04
C GLN A 394 -8.78 -4.08 23.89
N VAL A 395 -9.85 -4.25 23.13
CA VAL A 395 -10.10 -3.44 21.93
C VAL A 395 -11.51 -2.88 22.01
N CYS A 396 -11.63 -1.56 21.87
CA CYS A 396 -12.91 -0.88 21.79
C CYS A 396 -13.16 -0.44 20.36
N LEU A 397 -14.39 -0.61 19.90
CA LEU A 397 -14.76 -0.35 18.52
C LEU A 397 -15.36 1.04 18.37
N TYR A 398 -15.06 1.69 17.25
CA TYR A 398 -15.57 3.02 16.93
C TYR A 398 -16.13 2.98 15.51
N ALA A 399 -17.43 2.71 15.40
CA ALA A 399 -18.09 2.63 14.10
C ALA A 399 -18.35 4.02 13.54
N PHE A 400 -18.05 4.20 12.26
CA PHE A 400 -18.31 5.47 11.59
C PHE A 400 -19.05 5.35 10.27
N ASP A 401 -19.31 4.13 9.80
CA ASP A 401 -20.05 3.97 8.55
C ASP A 401 -20.71 2.60 8.51
N LEU A 402 -21.79 2.51 7.73
CA LEU A 402 -22.55 1.29 7.54
C LEU A 402 -22.77 1.09 6.05
N ILE A 403 -22.33 -0.06 5.53
CA ILE A 403 -22.34 -0.33 4.10
C ILE A 403 -23.44 -1.31 3.72
N TYR A 404 -23.69 -2.32 4.55
CA TYR A 404 -24.72 -3.31 4.32
C TYR A 404 -25.63 -3.37 5.53
N LEU A 405 -26.88 -3.77 5.30
CA LEU A 405 -27.85 -3.83 6.40
C LEU A 405 -29.04 -4.67 5.96
N ASN A 406 -29.19 -5.85 6.57
CA ASN A 406 -30.36 -6.70 6.38
C ASN A 406 -30.61 -7.02 4.90
N GLY A 407 -29.53 -7.36 4.20
CA GLY A 407 -29.67 -7.84 2.83
C GLY A 407 -29.70 -6.79 1.76
N GLU A 408 -29.56 -5.51 2.09
CA GLU A 408 -29.55 -4.44 1.10
C GLU A 408 -28.25 -3.65 1.21
N SER A 409 -27.72 -3.26 0.06
CA SER A 409 -26.47 -2.51 0.00
C SER A 409 -26.74 -1.01 0.05
N LEU A 410 -26.04 -0.32 0.94
CA LEU A 410 -26.18 1.13 1.10
C LEU A 410 -25.05 1.89 0.43
N VAL A 411 -24.38 1.27 -0.55
CA VAL A 411 -23.23 1.91 -1.18
C VAL A 411 -23.66 3.19 -1.90
N ARG A 412 -24.79 3.14 -2.62
CA ARG A 412 -25.27 4.26 -3.40
C ARG A 412 -26.12 5.22 -2.58
N GLU A 413 -26.08 5.12 -1.25
CA GLU A 413 -26.87 6.00 -0.39
C GLU A 413 -26.00 7.13 0.16
N PRO A 414 -26.58 8.30 0.42
CA PRO A 414 -25.82 9.38 1.05
C PRO A 414 -25.42 9.01 2.47
N LEU A 415 -24.35 9.66 2.94
CA LEU A 415 -23.86 9.41 4.29
C LEU A 415 -24.91 9.75 5.33
N SER A 416 -25.74 10.77 5.09
CA SER A 416 -26.79 11.13 6.03
C SER A 416 -27.73 9.95 6.27
N ARG A 417 -28.00 9.16 5.23
CA ARG A 417 -28.86 7.99 5.41
C ARG A 417 -28.11 6.87 6.10
N ARG A 418 -26.90 6.54 5.61
CA ARG A 418 -26.13 5.45 6.21
C ARG A 418 -25.84 5.72 7.68
N ARG A 419 -25.54 6.97 8.02
CA ARG A 419 -25.30 7.32 9.42
C ARG A 419 -26.56 7.14 10.26
N GLN A 420 -27.73 7.43 9.68
CA GLN A 420 -28.98 7.28 10.42
C GLN A 420 -29.27 5.82 10.72
N LEU A 421 -29.18 4.94 9.71
CA LEU A 421 -29.41 3.51 9.92
C LEU A 421 -28.45 2.96 10.95
N LEU A 422 -27.21 3.45 10.91
CA LEU A 422 -26.20 2.98 11.84
C LEU A 422 -26.53 3.40 13.27
N ARG A 423 -27.28 4.50 13.44
CA ARG A 423 -27.66 4.94 14.77
C ARG A 423 -28.89 4.20 15.29
N GLU A 424 -29.86 3.90 14.42
CA GLU A 424 -31.11 3.30 14.88
C GLU A 424 -30.91 1.84 15.27
N ASN A 425 -30.13 1.09 14.48
CA ASN A 425 -30.06 -0.36 14.60
C ASN A 425 -28.82 -0.85 15.32
N PHE A 426 -28.13 0.03 16.05
CA PHE A 426 -26.94 -0.36 16.80
C PHE A 426 -26.92 0.37 18.13
N VAL A 427 -26.32 -0.28 19.13
CA VAL A 427 -26.40 0.18 20.51
C VAL A 427 -25.02 0.61 21.00
N GLU A 428 -25.01 1.56 21.92
CA GLU A 428 -23.78 2.03 22.56
C GLU A 428 -23.45 1.15 23.75
N THR A 429 -22.31 0.47 23.70
CA THR A 429 -21.71 -0.17 24.87
C THR A 429 -20.35 0.49 25.04
N GLU A 430 -20.28 1.45 25.95
CA GLU A 430 -19.06 2.24 26.14
C GLU A 430 -17.89 1.34 26.49
N GLY A 431 -16.71 1.71 25.98
CA GLY A 431 -15.54 0.87 26.14
C GLY A 431 -15.58 -0.41 25.34
N GLU A 432 -16.60 -0.60 24.50
CA GLU A 432 -16.73 -1.83 23.72
C GLU A 432 -17.13 -1.52 22.29
N PHE A 433 -18.28 -0.86 22.11
CA PHE A 433 -18.77 -0.46 20.79
C PHE A 433 -19.42 0.91 20.93
N VAL A 434 -18.73 1.95 20.46
CA VAL A 434 -19.22 3.31 20.55
C VAL A 434 -19.19 3.95 19.18
N PHE A 435 -19.97 5.01 19.03
CA PHE A 435 -20.06 5.75 17.79
C PHE A 435 -18.96 6.81 17.75
N ALA A 436 -18.50 7.13 16.54
CA ALA A 436 -17.48 8.15 16.38
C ALA A 436 -17.98 9.49 16.87
N THR A 437 -17.17 10.18 17.68
CA THR A 437 -17.53 11.49 18.20
C THR A 437 -17.73 12.47 17.06
N SER A 438 -18.98 12.78 16.74
CA SER A 438 -19.34 13.57 15.58
C SER A 438 -19.74 14.99 15.98
N LEU A 439 -19.75 15.87 14.99
CA LEU A 439 -20.12 17.28 15.20
C LEU A 439 -20.39 17.90 13.84
N ASP A 440 -21.67 18.17 13.56
CA ASP A 440 -22.09 18.75 12.29
C ASP A 440 -22.22 20.27 12.46
N THR A 441 -21.40 21.02 11.74
CA THR A 441 -21.43 22.48 11.80
C THR A 441 -20.67 23.04 10.60
N LYS A 442 -20.71 24.38 10.50
CA LYS A 442 -19.90 25.10 9.52
C LYS A 442 -19.13 26.24 10.18
N ASP A 443 -19.09 26.30 11.50
CA ASP A 443 -18.40 27.36 12.22
C ASP A 443 -16.92 27.02 12.35
N ILE A 444 -16.06 27.96 11.94
CA ILE A 444 -14.62 27.70 11.98
C ILE A 444 -14.12 27.57 13.41
N GLU A 445 -14.65 28.40 14.32
CA GLU A 445 -14.24 28.31 15.72
C GLU A 445 -14.68 26.98 16.35
N GLN A 446 -15.89 26.52 16.01
CA GLN A 446 -16.35 25.24 16.51
C GLN A 446 -15.50 24.11 15.96
N ILE A 447 -15.11 24.18 14.68
CA ILE A 447 -14.25 23.17 14.09
C ILE A 447 -12.86 23.21 14.71
N ALA A 448 -12.34 24.41 14.99
CA ALA A 448 -11.03 24.54 15.58
C ALA A 448 -10.98 23.94 16.98
N GLU A 449 -12.01 24.21 17.79
CA GLU A 449 -12.06 23.63 19.13
C GLU A 449 -12.27 22.12 19.06
N PHE A 450 -13.06 21.65 18.09
CA PHE A 450 -13.25 20.21 17.92
C PHE A 450 -11.95 19.53 17.54
N LEU A 451 -11.15 20.18 16.69
CA LEU A 451 -9.84 19.62 16.34
C LEU A 451 -8.92 19.58 17.55
N GLU A 452 -8.98 20.61 18.40
CA GLU A 452 -8.20 20.60 19.63
C GLU A 452 -8.69 19.52 20.58
N GLN A 453 -10.02 19.43 20.75
CA GLN A 453 -10.58 18.47 21.70
C GLN A 453 -10.25 17.03 21.33
N SER A 454 -10.19 16.73 20.03
CA SER A 454 -9.91 15.36 19.60
C SER A 454 -8.54 14.90 20.09
N VAL A 455 -7.52 15.75 19.96
CA VAL A 455 -6.19 15.37 20.41
C VAL A 455 -6.12 15.35 21.93
N LYS A 456 -6.91 16.20 22.60
CA LYS A 456 -7.04 16.08 24.05
C LYS A 456 -7.67 14.75 24.43
N ASP A 457 -8.48 14.18 23.55
CA ASP A 457 -9.15 12.90 23.78
C ASP A 457 -8.43 11.74 23.09
N SER A 458 -7.11 11.83 22.96
CA SER A 458 -6.26 10.75 22.43
C SER A 458 -6.66 10.39 21.00
N CYS A 459 -6.66 11.39 20.13
CA CYS A 459 -6.94 11.19 18.71
C CYS A 459 -5.94 11.98 17.89
N GLU A 460 -5.78 11.58 16.62
CA GLU A 460 -4.83 12.26 15.74
C GLU A 460 -5.38 13.60 15.26
N GLY A 461 -6.66 13.64 14.90
CA GLY A 461 -7.27 14.85 14.38
C GLY A 461 -8.73 14.69 14.08
N LEU A 462 -9.15 15.08 12.88
CA LEU A 462 -10.56 15.04 12.49
C LEU A 462 -10.71 14.38 11.13
N MET A 463 -11.88 13.82 10.90
CA MET A 463 -12.29 13.32 9.60
C MET A 463 -13.50 14.11 9.13
N VAL A 464 -13.42 14.64 7.92
CA VAL A 464 -14.45 15.52 7.37
C VAL A 464 -15.09 14.82 6.17
N LYS A 465 -16.40 14.63 6.23
CA LYS A 465 -17.12 13.93 5.17
C LYS A 465 -18.44 14.65 4.90
N THR A 466 -18.74 14.84 3.62
CA THR A 466 -20.03 15.43 3.24
C THR A 466 -21.17 14.49 3.63
N LEU A 467 -22.36 15.08 3.76
CA LEU A 467 -23.53 14.34 4.19
C LEU A 467 -24.53 14.04 3.09
N ASP A 468 -24.67 14.93 2.10
CA ASP A 468 -25.65 14.73 1.04
C ASP A 468 -25.13 15.00 -0.37
N VAL A 469 -24.09 15.81 -0.52
CA VAL A 469 -23.53 16.13 -1.84
C VAL A 469 -22.28 15.29 -2.03
N ASP A 470 -22.35 14.34 -2.97
CA ASP A 470 -21.25 13.42 -3.26
C ASP A 470 -20.80 12.69 -1.99
N ALA A 471 -21.77 12.15 -1.27
CA ALA A 471 -21.55 11.51 0.02
C ALA A 471 -21.88 10.02 -0.04
N THR A 472 -21.60 9.38 -1.16
CA THR A 472 -21.86 7.96 -1.32
C THR A 472 -20.61 7.15 -0.97
N TYR A 473 -20.77 5.83 -0.96
CA TYR A 473 -19.68 4.90 -0.71
C TYR A 473 -19.25 4.21 -2.00
N GLU A 474 -19.17 4.97 -3.09
CA GLU A 474 -18.75 4.46 -4.39
C GLU A 474 -17.30 4.92 -4.62
N ILE A 475 -16.36 4.04 -4.29
CA ILE A 475 -14.95 4.39 -4.38
C ILE A 475 -14.54 4.66 -5.82
N ALA A 476 -15.15 3.97 -6.78
CA ALA A 476 -14.77 4.13 -8.18
C ALA A 476 -15.02 5.55 -8.68
N LYS A 477 -15.99 6.25 -8.08
CA LYS A 477 -16.22 7.64 -8.46
C LYS A 477 -15.08 8.54 -7.97
N ARG A 478 -14.67 8.36 -6.71
CA ARG A 478 -13.55 9.11 -6.15
C ARG A 478 -13.04 8.33 -4.94
N SER A 479 -11.83 7.77 -5.05
CA SER A 479 -11.32 6.90 -4.00
C SER A 479 -11.08 7.65 -2.69
N HIS A 480 -10.84 8.95 -2.76
CA HIS A 480 -10.53 9.76 -1.59
C HIS A 480 -11.60 10.84 -1.43
N ASN A 481 -12.83 10.39 -1.14
CA ASN A 481 -13.95 11.30 -0.99
C ASN A 481 -14.00 11.96 0.38
N TRP A 482 -13.30 11.42 1.37
CA TRP A 482 -13.22 11.99 2.71
C TRP A 482 -11.97 12.86 2.84
N LEU A 483 -12.00 13.74 3.84
CA LEU A 483 -10.90 14.65 4.11
C LEU A 483 -10.25 14.32 5.45
N LYS A 484 -8.96 14.67 5.56
CA LYS A 484 -8.13 14.30 6.70
C LYS A 484 -7.48 15.55 7.26
N LEU A 485 -7.87 15.94 8.48
CA LEU A 485 -7.34 17.14 9.13
C LEU A 485 -6.58 16.74 10.38
N LYS A 486 -5.26 16.85 10.33
CA LYS A 486 -4.39 16.56 11.47
C LYS A 486 -3.65 17.82 11.87
N LYS A 487 -3.12 17.80 13.10
CA LYS A 487 -2.40 18.96 13.62
C LYS A 487 -1.08 19.17 12.88
N ASP A 488 -0.34 18.08 12.62
CA ASP A 488 0.94 18.21 11.96
C ASP A 488 0.81 18.62 10.49
N TYR A 489 -0.41 18.66 9.95
CA TYR A 489 -0.60 19.20 8.61
C TYR A 489 -0.46 20.72 8.61
N LEU A 490 -0.89 21.37 9.68
CA LEU A 490 -0.78 22.82 9.78
C LEU A 490 0.67 23.22 10.06
N ASP A 491 1.09 24.35 9.49
CA ASP A 491 2.47 24.81 9.58
C ASP A 491 2.72 25.69 10.79
N GLY A 492 2.19 25.34 11.96
CA GLY A 492 2.42 26.11 13.16
C GLY A 492 2.30 25.28 14.41
N VAL A 493 2.16 23.96 14.23
CA VAL A 493 1.96 23.07 15.37
C VAL A 493 3.23 22.98 16.22
N GLY A 494 4.39 23.18 15.63
CA GLY A 494 5.62 23.30 16.37
C GLY A 494 6.36 22.00 16.66
N ASP A 495 5.84 20.86 16.23
CA ASP A 495 6.57 19.60 16.44
C ASP A 495 7.67 19.43 15.41
N THR A 496 8.48 20.46 15.22
CA THR A 496 9.63 20.42 14.33
C THR A 496 10.89 20.16 15.15
N LEU A 497 11.70 19.23 14.69
CA LEU A 497 12.97 18.88 15.35
C LEU A 497 14.12 19.19 14.42
N ASP A 498 15.20 19.72 14.98
CA ASP A 498 16.43 19.99 14.24
C ASP A 498 17.41 18.88 14.56
N LEU A 499 17.64 18.00 13.59
CA LEU A 499 18.44 16.80 13.78
C LEU A 499 19.64 16.80 12.85
N VAL A 500 20.66 16.04 13.23
CA VAL A 500 21.93 16.01 12.52
C VAL A 500 21.96 14.78 11.62
N VAL A 501 22.41 14.97 10.38
CA VAL A 501 22.56 13.87 9.44
C VAL A 501 23.88 13.15 9.73
N ILE A 502 23.79 11.87 10.06
CA ILE A 502 24.96 11.06 10.41
C ILE A 502 25.17 9.89 9.46
N GLY A 503 24.28 9.69 8.49
CA GLY A 503 24.44 8.58 7.56
C GLY A 503 23.52 8.73 6.38
N ALA A 504 23.86 8.03 5.30
CA ALA A 504 23.09 8.04 4.07
C ALA A 504 22.90 6.61 3.58
N TYR A 505 21.83 6.41 2.81
CA TYR A 505 21.50 5.11 2.24
C TYR A 505 21.33 5.24 0.74
N LEU A 506 21.86 4.26 0.00
CA LEU A 506 21.73 4.27 -1.45
C LEU A 506 20.28 4.07 -1.86
N GLY A 507 19.81 4.89 -2.79
CA GLY A 507 18.43 4.82 -3.22
C GLY A 507 18.18 3.75 -4.26
N ARG A 508 16.91 3.34 -4.35
CA ARG A 508 16.48 2.34 -5.30
C ARG A 508 15.37 2.89 -6.18
N GLY A 509 15.24 2.33 -7.38
CA GLY A 509 14.16 2.72 -8.27
C GLY A 509 14.29 4.18 -8.68
N LYS A 510 13.29 4.98 -8.31
CA LYS A 510 13.28 6.40 -8.64
C LYS A 510 14.46 7.14 -8.02
N ARG A 511 15.12 6.56 -7.03
CA ARG A 511 16.23 7.20 -6.33
C ARG A 511 17.56 6.53 -6.65
N ALA A 512 17.62 5.71 -7.70
CA ALA A 512 18.86 5.05 -8.07
C ALA A 512 19.89 6.08 -8.51
N GLY A 513 21.10 5.98 -7.97
CA GLY A 513 22.16 6.90 -8.30
C GLY A 513 22.51 7.83 -7.17
N ARG A 514 21.51 8.35 -6.47
CA ARG A 514 21.69 9.25 -5.34
C ARG A 514 21.27 8.56 -4.05
N TYR A 515 21.07 9.34 -3.00
CA TYR A 515 20.68 8.81 -1.70
C TYR A 515 19.17 8.72 -1.60
N GLY A 516 18.68 7.60 -1.09
CA GLY A 516 17.25 7.42 -0.91
C GLY A 516 16.79 7.76 0.49
N GLY A 517 17.68 7.60 1.47
CA GLY A 517 17.35 7.86 2.85
C GLY A 517 18.56 8.35 3.62
N PHE A 518 18.30 8.84 4.83
CA PHE A 518 19.35 9.41 5.68
C PHE A 518 19.10 9.01 7.12
N LEU A 519 20.18 8.91 7.89
CA LEU A 519 20.11 8.61 9.31
C LEU A 519 20.24 9.91 10.09
N LEU A 520 19.26 10.18 10.95
CA LEU A 520 19.22 11.40 11.74
C LEU A 520 19.52 11.09 13.20
N ALA A 521 20.14 12.05 13.88
CA ALA A 521 20.57 11.85 15.25
C ALA A 521 20.30 13.11 16.07
N SER A 522 20.10 12.90 17.37
CA SER A 522 19.98 13.98 18.34
C SER A 522 21.22 14.00 19.23
N TYR A 523 21.53 15.17 19.77
CA TYR A 523 22.73 15.37 20.58
C TYR A 523 22.40 15.11 22.05
N ASP A 524 23.12 14.18 22.67
CA ASP A 524 23.04 13.94 24.10
C ASP A 524 24.19 14.68 24.77
N GLU A 525 23.87 15.74 25.51
CA GLU A 525 24.91 16.59 26.09
C GLU A 525 25.66 15.87 27.20
N ASP A 526 24.96 15.06 28.00
CA ASP A 526 25.61 14.43 29.15
C ASP A 526 26.63 13.39 28.71
N SER A 527 26.27 12.55 27.73
CA SER A 527 27.19 11.55 27.21
C SER A 527 28.10 12.09 26.12
N GLU A 528 27.92 13.34 25.72
CA GLU A 528 28.66 13.94 24.62
C GLU A 528 28.58 13.06 23.37
N GLU A 529 27.36 12.63 23.05
CA GLU A 529 27.12 11.67 21.99
C GLU A 529 26.04 12.17 21.06
N LEU A 530 26.10 11.71 19.81
CA LEU A 530 25.02 11.86 18.85
C LEU A 530 24.28 10.54 18.75
N GLN A 531 23.02 10.53 19.18
CA GLN A 531 22.22 9.32 19.24
C GLN A 531 21.24 9.30 18.07
N ALA A 532 21.33 8.26 17.24
CA ALA A 532 20.41 8.12 16.12
C ALA A 532 18.98 8.04 16.63
N ILE A 533 18.09 8.78 15.98
CA ILE A 533 16.71 8.92 16.42
C ILE A 533 15.73 8.29 15.43
N CYS A 534 16.00 8.41 14.13
CA CYS A 534 15.12 7.86 13.10
C CYS A 534 15.82 7.96 11.76
N LYS A 535 15.17 7.39 10.75
CA LYS A 535 15.58 7.54 9.36
C LYS A 535 14.63 8.51 8.65
N LEU A 536 15.14 9.14 7.59
CA LEU A 536 14.41 10.16 6.86
C LEU A 536 14.45 9.82 5.37
N GLY A 537 13.27 9.77 4.74
CA GLY A 537 13.20 9.39 3.35
C GLY A 537 12.20 10.17 2.52
N THR A 538 11.36 10.96 3.17
CA THR A 538 10.34 11.73 2.47
C THR A 538 10.44 13.20 2.87
N GLY A 539 9.90 14.06 2.02
CA GLY A 539 9.89 15.49 2.23
C GLY A 539 10.81 16.27 1.32
N PHE A 540 11.75 15.60 0.64
CA PHE A 540 12.65 16.27 -0.27
C PHE A 540 12.02 16.40 -1.65
N SER A 541 12.27 17.54 -2.30
CA SER A 541 12.01 17.64 -3.72
C SER A 541 13.12 16.91 -4.48
N ASP A 542 12.86 16.65 -5.76
CA ASP A 542 13.86 15.96 -6.57
C ASP A 542 15.12 16.81 -6.75
N GLU A 543 14.97 18.13 -6.79
CA GLU A 543 16.14 19.00 -6.87
C GLU A 543 16.88 19.09 -5.55
N GLU A 544 16.15 19.09 -4.43
CA GLU A 544 16.79 19.10 -3.12
C GLU A 544 17.56 17.82 -2.87
N LEU A 545 17.07 16.69 -3.37
CA LEU A 545 17.75 15.42 -3.14
C LEU A 545 19.08 15.35 -3.88
N GLU A 546 19.18 15.98 -5.06
CA GLU A 546 20.46 16.03 -5.76
C GLU A 546 21.42 17.01 -5.10
N GLU A 547 20.89 18.09 -4.50
CA GLU A 547 21.75 18.98 -3.74
C GLU A 547 22.30 18.29 -2.49
N HIS A 548 21.45 17.52 -1.81
CA HIS A 548 21.93 16.77 -0.65
C HIS A 548 22.95 15.71 -1.05
N HIS A 549 22.69 15.01 -2.16
CA HIS A 549 23.62 13.98 -2.61
C HIS A 549 24.98 14.57 -2.96
N GLN A 550 24.99 15.77 -3.52
CA GLN A 550 26.24 16.41 -3.89
C GLN A 550 26.96 16.99 -2.68
N SER A 551 26.23 17.71 -1.83
CA SER A 551 26.84 18.36 -0.68
C SER A 551 27.32 17.34 0.35
N LEU A 552 26.54 16.29 0.59
CA LEU A 552 26.90 15.30 1.59
C LEU A 552 27.93 14.29 1.10
N LYS A 553 28.19 14.23 -0.21
CA LYS A 553 29.18 13.29 -0.71
C LYS A 553 30.60 13.67 -0.33
N ALA A 554 30.84 14.94 0.01
CA ALA A 554 32.17 15.34 0.47
C ALA A 554 32.45 14.93 1.90
N LEU A 555 31.40 14.76 2.70
CA LEU A 555 31.54 14.40 4.11
C LEU A 555 31.52 12.90 4.34
N VAL A 556 31.59 12.09 3.28
CA VAL A 556 31.55 10.64 3.45
C VAL A 556 32.80 10.19 4.20
N LEU A 557 32.60 9.35 5.22
CA LEU A 557 33.68 8.84 6.04
C LEU A 557 33.80 7.33 5.90
N PRO A 558 35.02 6.79 5.93
CA PRO A 558 35.17 5.33 5.87
C PRO A 558 34.72 4.62 7.13
N SER A 559 34.55 5.35 8.24
CA SER A 559 34.18 4.76 9.52
C SER A 559 33.38 5.79 10.30
N PRO A 560 32.50 5.36 11.21
CA PRO A 560 31.73 6.32 11.99
C PRO A 560 32.62 7.05 12.99
N ARG A 561 32.25 8.31 13.26
CA ARG A 561 32.96 9.07 14.28
C ARG A 561 32.73 8.42 15.65
N PRO A 562 33.71 8.51 16.54
CA PRO A 562 33.59 7.79 17.83
C PRO A 562 32.42 8.23 18.68
N TYR A 563 31.95 9.46 18.53
CA TYR A 563 30.86 9.98 19.36
C TYR A 563 29.48 9.74 18.75
N VAL A 564 29.37 8.87 17.75
CA VAL A 564 28.10 8.56 17.12
C VAL A 564 27.62 7.21 17.62
N ARG A 565 26.37 7.15 18.08
CA ARG A 565 25.76 5.92 18.59
C ARG A 565 24.48 5.65 17.82
N ILE A 566 24.42 4.50 17.15
CA ILE A 566 23.23 4.12 16.40
C ILE A 566 22.54 2.89 16.96
N ASP A 567 23.20 2.12 17.83
CA ASP A 567 22.60 0.95 18.51
C ASP A 567 22.16 -0.04 17.44
N GLY A 568 20.91 -0.47 17.41
CA GLY A 568 20.44 -1.47 16.48
C GLY A 568 19.92 -0.94 15.16
N ALA A 569 20.08 0.35 14.89
CA ALA A 569 19.59 0.91 13.63
C ALA A 569 20.33 0.30 12.45
N VAL A 570 19.73 0.44 11.27
CA VAL A 570 20.35 -0.07 10.07
C VAL A 570 21.65 0.67 9.81
N ILE A 571 22.74 -0.07 9.68
CA ILE A 571 24.04 0.57 9.45
C ILE A 571 24.00 1.32 8.12
N PRO A 572 24.32 2.61 8.10
CA PRO A 572 24.21 3.37 6.84
C PRO A 572 25.24 2.89 5.82
N ASP A 573 24.87 3.02 4.55
CA ASP A 573 25.80 2.69 3.48
C ASP A 573 26.98 3.64 3.47
N HIS A 574 26.74 4.92 3.76
CA HIS A 574 27.77 5.94 3.78
C HIS A 574 27.73 6.66 5.11
N TRP A 575 28.77 6.48 5.93
CA TRP A 575 28.92 7.28 7.13
C TRP A 575 29.26 8.71 6.74
N LEU A 576 28.65 9.67 7.43
CA LEU A 576 28.80 11.08 7.11
C LEU A 576 29.41 11.82 8.29
N ASP A 577 30.26 12.79 7.99
CA ASP A 577 30.80 13.67 9.02
C ASP A 577 29.66 14.49 9.61
N PRO A 578 29.36 14.35 10.91
CA PRO A 578 28.23 15.09 11.49
C PRO A 578 28.39 16.60 11.37
N SER A 579 27.72 17.17 10.37
CA SER A 579 27.77 18.62 10.14
C SER A 579 26.47 19.21 9.64
N ALA A 580 25.65 18.48 8.89
CA ALA A 580 24.42 19.04 8.35
C ALA A 580 23.29 18.91 9.38
N VAL A 581 22.52 19.98 9.55
CA VAL A 581 21.37 20.00 10.44
C VAL A 581 20.13 20.30 9.60
N TRP A 582 19.12 19.45 9.73
CA TRP A 582 17.89 19.57 8.96
C TRP A 582 16.70 19.71 9.90
N GLU A 583 15.75 20.57 9.52
CA GLU A 583 14.49 20.65 10.23
C GLU A 583 13.59 19.50 9.80
N VAL A 584 13.02 18.79 10.76
CA VAL A 584 12.23 17.59 10.50
C VAL A 584 10.93 17.68 11.29
N LYS A 585 9.81 17.42 10.62
CA LYS A 585 8.51 17.37 11.25
C LYS A 585 8.04 15.93 11.35
N CYS A 586 7.31 15.63 12.43
CA CYS A 586 6.75 14.31 12.66
C CYS A 586 5.35 14.45 13.23
N ALA A 587 4.63 13.33 13.24
CA ALA A 587 3.28 13.30 13.79
C ALA A 587 3.26 12.97 15.27
N ASP A 588 4.15 12.07 15.71
CA ASP A 588 4.21 11.66 17.10
C ASP A 588 5.64 11.21 17.41
N LEU A 589 5.88 10.98 18.71
CA LEU A 589 7.13 10.40 19.18
C LEU A 589 6.82 9.05 19.80
N SER A 590 7.62 8.03 19.46
CA SER A 590 7.35 6.67 19.86
C SER A 590 8.51 6.10 20.65
N LEU A 591 8.20 5.19 21.57
CA LEU A 591 9.24 4.48 22.31
C LEU A 591 9.89 3.45 21.40
N SER A 592 11.18 3.63 21.14
CA SER A 592 11.76 2.74 20.13
C SER A 592 12.49 1.57 20.77
N PRO A 593 12.30 0.36 20.24
CA PRO A 593 13.11 -0.79 20.65
C PRO A 593 14.43 -0.91 19.89
N ILE A 594 14.75 0.01 18.99
CA ILE A 594 15.97 -0.03 18.21
C ILE A 594 16.84 1.21 18.44
N TYR A 595 16.22 2.40 18.42
CA TYR A 595 17.00 3.63 18.38
C TYR A 595 17.40 4.06 19.79
N PRO A 596 18.64 4.52 19.96
CA PRO A 596 19.15 4.88 21.30
C PRO A 596 18.91 6.32 21.73
N ALA A 597 18.16 7.11 20.95
CA ALA A 597 17.95 8.50 21.29
C ALA A 597 17.17 8.64 22.59
N ALA A 598 17.72 9.40 23.54
CA ALA A 598 17.07 9.69 24.82
C ALA A 598 16.78 8.42 25.62
N ARG A 599 17.59 7.38 25.43
CA ARG A 599 17.43 6.16 26.21
C ARG A 599 17.78 6.44 27.67
N GLY A 600 16.90 6.04 28.58
CA GLY A 600 17.06 6.24 29.99
C GLY A 600 16.29 7.42 30.55
N LEU A 601 16.01 8.42 29.71
CA LEU A 601 15.29 9.61 30.16
C LEU A 601 13.79 9.38 30.30
N VAL A 602 13.25 8.34 29.67
CA VAL A 602 11.84 8.01 29.79
C VAL A 602 11.70 6.55 30.19
N ASP A 603 12.24 5.66 29.37
CA ASP A 603 12.26 4.23 29.65
C ASP A 603 13.69 3.77 29.91
N SER A 604 13.83 2.78 30.78
CA SER A 604 15.15 2.34 31.19
C SER A 604 15.90 1.65 30.05
N ASP A 605 15.20 0.84 29.25
CA ASP A 605 15.82 0.03 28.22
C ASP A 605 15.33 0.37 26.82
N LYS A 606 14.70 1.53 26.64
CA LYS A 606 14.14 1.89 25.35
C LYS A 606 14.39 3.36 25.05
N GLY A 607 14.66 3.65 23.78
CA GLY A 607 14.83 5.01 23.31
C GLY A 607 13.58 5.56 22.67
N ILE A 608 13.75 6.65 21.93
CA ILE A 608 12.64 7.37 21.31
C ILE A 608 12.92 7.54 19.83
N SER A 609 11.90 7.32 19.00
CA SER A 609 11.96 7.58 17.56
C SER A 609 10.82 8.51 17.18
N LEU A 610 10.70 8.79 15.88
CA LEU A 610 9.70 9.71 15.36
C LEU A 610 8.72 8.97 14.47
N ARG A 611 7.43 9.25 14.65
CA ARG A 611 6.37 8.67 13.84
C ARG A 611 6.15 9.53 12.60
N PHE A 612 6.26 8.92 11.43
CA PHE A 612 6.12 9.61 10.15
C PHE A 612 7.04 10.83 10.04
N PRO A 613 8.35 10.65 10.05
CA PRO A 613 9.25 11.79 9.91
C PRO A 613 9.31 12.26 8.46
N ARG A 614 9.36 13.58 8.28
CA ARG A 614 9.47 14.17 6.95
C ARG A 614 10.39 15.38 7.01
N PHE A 615 11.07 15.62 5.90
CA PHE A 615 12.04 16.71 5.81
C PHE A 615 11.32 18.02 5.49
N ILE A 616 11.77 19.09 6.15
CA ILE A 616 11.19 20.41 5.93
C ILE A 616 12.19 21.29 5.19
N ARG A 617 13.28 21.63 5.85
CA ARG A 617 14.28 22.51 5.26
C ARG A 617 15.63 22.26 5.93
N VAL A 618 16.68 22.79 5.31
CA VAL A 618 18.01 22.74 5.89
C VAL A 618 18.16 23.89 6.87
N ARG A 619 18.81 23.62 8.01
CA ARG A 619 19.10 24.65 9.00
C ARG A 619 20.56 25.08 8.82
N GLU A 620 20.78 25.98 7.86
CA GLU A 620 22.13 26.40 7.53
C GLU A 620 22.74 27.24 8.66
N ASP A 621 21.91 27.93 9.44
CA ASP A 621 22.40 28.73 10.54
C ASP A 621 22.80 27.90 11.75
N LYS A 622 22.52 26.60 11.75
CA LYS A 622 22.76 25.74 12.90
C LYS A 622 23.91 24.79 12.63
N GLN A 623 24.53 24.35 13.72
CA GLN A 623 25.61 23.38 13.74
C GLN A 623 25.21 22.20 14.63
N PRO A 624 25.86 21.04 14.48
CA PRO A 624 25.45 19.86 15.26
C PRO A 624 25.25 20.10 16.75
N GLU A 625 26.03 21.00 17.37
CA GLU A 625 25.87 21.22 18.81
C GLU A 625 24.60 22.00 19.12
N GLN A 626 24.12 22.81 18.18
CA GLN A 626 22.91 23.60 18.37
C GLN A 626 21.64 22.84 17.98
N ALA A 627 21.75 21.55 17.66
CA ALA A 627 20.59 20.78 17.27
C ALA A 627 19.75 20.40 18.50
N THR A 628 18.60 19.79 18.23
CA THR A 628 17.73 19.33 19.31
C THR A 628 18.44 18.28 20.14
N THR A 629 18.37 18.42 21.46
CA THR A 629 19.02 17.49 22.36
C THR A 629 18.09 16.36 22.76
N SER A 630 18.67 15.26 23.24
CA SER A 630 17.87 14.14 23.71
C SER A 630 17.01 14.53 24.90
N ALA A 631 17.42 15.53 25.67
CA ALA A 631 16.59 16.04 26.76
C ALA A 631 15.32 16.69 26.23
N GLN A 632 15.44 17.47 25.15
CA GLN A 632 14.25 18.03 24.52
C GLN A 632 13.37 16.94 23.92
N VAL A 633 14.00 15.90 23.37
CA VAL A 633 13.23 14.80 22.80
C VAL A 633 12.43 14.08 23.87
N ALA A 634 13.05 13.87 25.05
CA ALA A 634 12.34 13.21 26.15
C ALA A 634 11.17 14.05 26.64
N CYS A 635 11.36 15.36 26.74
CA CYS A 635 10.27 16.24 27.17
C CYS A 635 9.15 16.28 26.14
N LEU A 636 9.50 16.38 24.85
CA LEU A 636 8.50 16.36 23.80
C LEU A 636 7.65 15.10 23.88
N TYR A 637 8.28 13.95 24.12
CA TYR A 637 7.53 12.70 24.25
C TYR A 637 6.63 12.73 25.48
N ARG A 638 7.11 13.30 26.58
CA ARG A 638 6.30 13.35 27.80
C ARG A 638 5.07 14.21 27.60
N LYS A 639 5.20 15.33 26.88
CA LYS A 639 4.10 16.27 26.71
C LYS A 639 3.01 15.76 25.78
N GLN A 640 3.21 14.61 25.13
CA GLN A 640 2.19 14.07 24.23
C GLN A 640 0.92 13.73 25.01
N SER A 641 -0.23 14.02 24.40
CA SER A 641 -1.50 13.90 25.11
C SER A 641 -1.79 12.47 25.51
N GLN A 642 -1.51 11.51 24.63
CA GLN A 642 -1.71 10.11 25.00
C GLN A 642 -0.74 9.67 26.08
N ILE A 643 0.46 10.26 26.10
CA ILE A 643 1.41 9.98 27.18
C ILE A 643 0.97 10.68 28.47
N GLN A 644 0.37 11.87 28.34
CA GLN A 644 -0.10 12.58 29.52
C GLN A 644 -1.37 11.94 30.09
N ASN A 645 -2.24 11.41 29.23
CA ASN A 645 -3.47 10.76 29.68
C ASN A 645 -3.22 9.44 30.40
N GLN A 646 -1.97 9.01 30.52
CA GLN A 646 -1.64 7.79 31.25
C GLN A 646 -1.86 7.99 32.75
#